data_2ARJ
#
_entry.id   2ARJ
#
_cell.length_a   83.344
_cell.length_b   107.135
_cell.length_c   131.522
_cell.angle_alpha   90.00
_cell.angle_beta   90.00
_cell.angle_gamma   90.00
#
_symmetry.space_group_name_H-M   'P 21 21 21'
#
loop_
_entity.id
_entity.type
_entity.pdbx_description
1 polymer 'YTS 105.18 antigen binding region Light chain'
2 polymer 'YTS 105.18 antigen binding region Heavy chain'
3 polymer 'T-cell surface glycoprotein CD8 alpha chain'
4 water water
#
loop_
_entity_poly.entity_id
_entity_poly.type
_entity_poly.pdbx_seq_one_letter_code
_entity_poly.pdbx_strand_id
1 'polypeptide(L)'
;DIVMTQSPSSLAVSAGERVTLNCKASQNVRNNIAWYQQKPGQSPKLLIYYASYRYTGVPDRFTGDGFGTDFTLAINSVQA
DDAAFYYCQRIYNSPYTFGAGTKLELIRADAAPTVSIFPPSMEQLTSGGASVVCFVNNFYPRDISVKWKIDGSEQRDGVL
DSVTDQDSKDSTYSMSSTLSLTKVEYERHNLYTCEVVHKTSSSPVVKSFNR
;
L,A
2 'polypeptide(L)'
;QVQLKESGPGLVQPSQTLSLTCTVSGFSLTSNSVHWVRQPPGKGLEWMGGIWGDGDTDYNSALKSRLSISRDTSKNQVFL
KMNSLQTDDTAIYFCTPLIGSWYFDFWGPGTMVTASSAQTTAPSVYPLAPGCGDTTSSTVTLGCLVKGYFPEPVTVTWNS
GALSSDVHTFPAVLQSGLYTLTSSVTSSTWPSQTVTCNVAHPASSTKVDQKIVPR
;
H,B
3 'polypeptide(L)'
;KPQAPELRIFPKKMDAELGQKVDLVCEVLGSVSQGCSWLFQNSSSKLPQPTFVVYMASSHNKITWDEKLNSSKLFSAMRD
TNNKYVLTLNKFSKENEGYYFCSVISNSVMYFSSVVPVLQKVN
;
R,Q
#
# COMPACT_ATOMS: atom_id res chain seq x y z
N ASP A 1 -7.26 -1.90 -34.81
CA ASP A 1 -6.24 -0.72 -35.69
C ASP A 1 -5.37 0.19 -34.66
N ILE A 2 -6.08 1.13 -34.01
CA ILE A 2 -5.48 2.41 -33.60
C ILE A 2 -4.60 2.97 -34.75
N VAL A 3 -5.27 3.80 -35.53
CA VAL A 3 -4.68 4.54 -36.63
C VAL A 3 -4.25 5.86 -36.01
N MET A 4 -3.10 6.37 -36.43
CA MET A 4 -2.60 7.66 -35.94
C MET A 4 -2.60 8.69 -37.06
N THR A 5 -3.40 9.73 -36.90
CA THR A 5 -3.59 10.70 -37.95
C THR A 5 -3.02 12.06 -37.54
N GLN A 6 -2.06 12.56 -38.30
CA GLN A 6 -1.49 13.87 -38.00
C GLN A 6 -1.91 14.89 -39.03
N SER A 7 -2.35 16.04 -38.55
CA SER A 7 -2.66 17.14 -39.44
C SER A 7 -2.02 18.41 -38.89
N PRO A 8 -1.65 19.34 -39.78
CA PRO A 8 -1.79 19.19 -41.22
C PRO A 8 -0.61 18.36 -41.76
N SER A 9 -0.63 18.09 -43.06
CA SER A 9 0.49 17.44 -43.73
C SER A 9 1.78 18.28 -43.60
N SER A 10 1.67 19.60 -43.82
CA SER A 10 2.82 20.52 -43.67
C SER A 10 2.42 21.97 -43.36
N LEU A 11 3.34 22.74 -42.77
CA LEU A 11 3.11 24.13 -42.33
C LEU A 11 4.22 25.03 -42.81
N ALA A 12 3.87 26.25 -43.22
CA ALA A 12 4.83 27.35 -43.40
C ALA A 12 4.52 28.39 -42.34
N VAL A 13 5.54 28.79 -41.57
CA VAL A 13 5.35 29.63 -40.39
C VAL A 13 6.56 30.59 -40.27
N SER A 14 6.60 31.51 -39.31
CA SER A 14 7.68 32.52 -39.29
C SER A 14 8.47 32.59 -37.98
N ALA A 15 9.77 32.87 -38.06
CA ALA A 15 10.56 32.95 -36.83
C ALA A 15 9.76 33.76 -35.82
N GLY A 16 9.31 33.12 -34.76
CA GLY A 16 8.69 33.83 -33.65
C GLY A 16 7.21 33.60 -33.45
N GLU A 17 6.60 32.84 -34.35
CA GLU A 17 5.18 32.56 -34.29
C GLU A 17 4.90 31.34 -33.43
N ARG A 18 3.69 31.27 -32.87
CA ARG A 18 3.21 30.04 -32.25
C ARG A 18 2.77 29.11 -33.36
N VAL A 19 3.02 27.81 -33.17
CA VAL A 19 2.56 26.78 -34.10
C VAL A 19 1.91 25.65 -33.34
N THR A 20 0.95 25.00 -33.99
CA THR A 20 0.23 23.90 -33.41
C THR A 20 0.17 22.77 -34.41
N LEU A 21 0.57 21.57 -33.99
CA LEU A 21 0.43 20.37 -34.78
C LEU A 21 -0.61 19.50 -34.09
N ASN A 22 -1.51 18.90 -34.85
CA ASN A 22 -2.54 18.02 -34.29
C ASN A 22 -2.25 16.54 -34.48
N CYS A 23 -2.74 15.72 -33.56
CA CYS A 23 -2.59 14.26 -33.62
C CYS A 23 -3.88 13.56 -33.14
N LYS A 24 -4.47 12.70 -33.98
CA LYS A 24 -5.72 12.01 -33.67
C LYS A 24 -5.59 10.49 -33.71
N ALA A 25 -5.97 9.84 -32.62
CA ALA A 25 -5.97 8.38 -32.50
C ALA A 25 -7.37 7.83 -32.65
N SER A 26 -7.55 6.84 -33.51
CA SER A 26 -8.89 6.27 -33.72
C SER A 26 -9.54 5.75 -32.44
N GLN A 27 -8.74 5.52 -31.40
CA GLN A 27 -9.18 4.95 -30.13
C GLN A 27 -8.72 5.82 -28.97
N ASN A 28 -9.39 5.67 -27.84
CA ASN A 28 -8.99 6.33 -26.61
C ASN A 28 -7.70 5.71 -26.13
N VAL A 29 -6.69 6.53 -25.83
CA VAL A 29 -5.49 6.03 -25.16
C VAL A 29 -4.95 6.97 -24.09
N ARG A 30 -5.86 7.72 -23.48
CA ARG A 30 -5.54 8.54 -22.34
C ARG A 30 -4.39 9.45 -22.78
N ASN A 31 -3.30 9.43 -22.02
CA ASN A 31 -2.16 10.26 -22.33
C ASN A 31 -0.97 9.45 -22.85
N ASN A 32 -1.24 8.29 -23.43
CA ASN A 32 -0.17 7.42 -23.91
C ASN A 32 0.41 7.79 -25.27
N ILE A 33 0.92 9.03 -25.33
CA ILE A 33 1.48 9.61 -26.54
C ILE A 33 2.91 10.14 -26.38
N ALA A 34 3.69 10.05 -27.47
CA ALA A 34 5.02 10.66 -27.54
C ALA A 34 5.17 11.57 -28.77
N TRP A 35 5.87 12.69 -28.64
CA TRP A 35 6.25 13.50 -29.83
C TRP A 35 7.74 13.46 -30.13
N TYR A 36 8.10 13.28 -31.40
CA TYR A 36 9.52 13.40 -31.78
C TYR A 36 9.78 14.42 -32.88
N GLN A 37 11.00 14.96 -32.89
CA GLN A 37 11.48 15.86 -33.93
C GLN A 37 12.53 15.13 -34.73
N GLN A 38 12.48 15.24 -36.05
CA GLN A 38 13.52 14.63 -36.86
C GLN A 38 13.94 15.55 -37.99
N LYS A 39 15.25 15.77 -38.08
CA LYS A 39 15.87 16.39 -39.24
C LYS A 39 16.29 15.24 -40.15
N PRO A 40 16.03 15.36 -41.47
CA PRO A 40 16.53 14.37 -42.43
C PRO A 40 17.97 14.00 -42.17
N GLY A 41 18.29 12.72 -42.36
CA GLY A 41 19.64 12.22 -42.14
C GLY A 41 20.03 12.11 -40.68
N GLN A 42 19.05 12.27 -39.79
CA GLN A 42 19.30 12.16 -38.35
C GLN A 42 18.29 11.25 -37.68
N SER A 43 18.64 10.73 -36.50
CA SER A 43 17.73 9.96 -35.66
C SER A 43 16.66 10.89 -35.08
N PRO A 44 15.47 10.34 -34.82
CA PRO A 44 14.49 11.15 -34.16
C PRO A 44 14.95 11.54 -32.76
N LYS A 45 14.43 12.65 -32.28
CA LYS A 45 14.76 13.18 -30.97
C LYS A 45 13.47 13.41 -30.22
N LEU A 46 13.36 12.74 -29.07
CA LEU A 46 12.16 12.84 -28.27
C LEU A 46 12.03 14.26 -27.70
N LEU A 47 10.86 14.84 -27.90
CA LEU A 47 10.52 16.12 -27.34
C LEU A 47 9.63 15.95 -26.13
N ILE A 48 8.55 15.20 -26.28
CA ILE A 48 7.45 15.20 -25.30
C ILE A 48 6.86 13.81 -25.02
N TYR A 49 6.75 13.48 -23.75
CA TYR A 49 6.32 12.14 -23.34
C TYR A 49 5.12 12.16 -22.42
N TYR A 50 4.29 11.12 -22.52
CA TYR A 50 2.95 10.99 -21.91
C TYR A 50 2.08 12.21 -22.14
N ALA A 51 2.06 12.66 -23.40
CA ALA A 51 1.20 13.75 -23.87
C ALA A 51 1.68 15.12 -23.50
N SER A 52 2.13 15.31 -22.26
CA SER A 52 2.35 16.67 -21.77
C SER A 52 3.70 16.93 -21.11
N TYR A 53 4.54 15.92 -20.96
CA TYR A 53 5.82 16.13 -20.26
C TYR A 53 6.96 16.33 -21.22
N ARG A 54 7.75 17.35 -20.91
CA ARG A 54 8.85 17.77 -21.74
C ARG A 54 10.12 17.05 -21.29
N TYR A 55 10.83 16.44 -22.23
CA TYR A 55 12.00 15.62 -21.92
C TYR A 55 13.16 16.51 -21.56
N THR A 56 14.01 16.05 -20.65
CA THR A 56 15.16 16.85 -20.23
C THR A 56 15.98 17.28 -21.44
N GLY A 57 16.39 18.55 -21.43
CA GLY A 57 17.11 19.12 -22.54
C GLY A 57 16.23 19.83 -23.55
N VAL A 58 14.98 19.39 -23.67
CA VAL A 58 14.09 20.01 -24.63
C VAL A 58 13.77 21.43 -24.18
N PRO A 59 13.91 22.40 -25.10
CA PRO A 59 13.67 23.81 -24.82
C PRO A 59 12.24 24.17 -24.41
N ASP A 60 12.13 25.33 -23.77
CA ASP A 60 10.90 25.82 -23.20
C ASP A 60 9.71 25.83 -24.13
N ARG A 61 9.95 26.21 -25.39
CA ARG A 61 8.85 26.53 -26.30
C ARG A 61 8.06 25.33 -26.80
N PHE A 62 8.60 24.13 -26.58
CA PHE A 62 7.90 22.89 -26.91
C PHE A 62 6.97 22.48 -25.78
N THR A 63 5.69 22.33 -26.11
CA THR A 63 4.68 22.01 -25.12
C THR A 63 3.71 21.02 -25.74
N GLY A 64 3.06 20.23 -24.88
CA GLY A 64 2.16 19.16 -25.33
C GLY A 64 0.89 19.12 -24.51
N ASP A 65 -0.23 18.89 -25.19
CA ASP A 65 -1.54 19.03 -24.57
C ASP A 65 -2.37 17.84 -25.04
N GLY A 66 -3.36 17.43 -24.26
CA GLY A 66 -4.28 16.39 -24.71
C GLY A 66 -4.36 15.09 -23.92
N PHE A 67 -5.53 14.47 -24.01
CA PHE A 67 -5.84 13.28 -23.27
C PHE A 67 -7.01 12.63 -23.99
N GLY A 68 -7.01 11.30 -24.08
CA GLY A 68 -8.07 10.61 -24.78
C GLY A 68 -7.70 10.36 -26.22
N THR A 69 -8.12 11.26 -27.12
CA THR A 69 -7.95 11.07 -28.57
C THR A 69 -7.28 12.21 -29.35
N ASP A 70 -7.46 13.46 -28.94
CA ASP A 70 -6.84 14.58 -29.66
C ASP A 70 -5.66 15.13 -28.88
N PHE A 71 -4.55 15.33 -29.58
CA PHE A 71 -3.31 15.75 -28.94
C PHE A 71 -2.66 16.86 -29.74
N THR A 72 -1.85 17.67 -29.06
CA THR A 72 -1.28 18.86 -29.66
C THR A 72 0.17 19.08 -29.24
N LEU A 73 1.05 19.09 -30.24
CA LEU A 73 2.33 19.71 -30.06
C LEU A 73 2.21 21.19 -30.43
N ALA A 74 2.76 22.05 -29.58
CA ALA A 74 2.80 23.49 -29.83
C ALA A 74 4.22 23.96 -29.71
N ILE A 75 4.59 24.95 -30.54
CA ILE A 75 5.86 25.68 -30.38
C ILE A 75 5.58 27.17 -30.24
N ASN A 76 5.96 27.70 -29.09
CA ASN A 76 5.77 29.10 -28.74
C ASN A 76 7.00 29.89 -29.18
N SER A 77 6.84 30.79 -30.15
CA SER A 77 7.95 31.41 -30.93
C SER A 77 8.92 30.42 -31.53
N VAL A 78 8.56 29.95 -32.71
CA VAL A 78 9.37 29.04 -33.49
C VAL A 78 10.71 29.71 -33.85
N GLN A 79 11.74 28.89 -34.02
CA GLN A 79 13.07 29.34 -34.44
C GLN A 79 13.56 28.52 -35.66
N ALA A 80 14.51 29.08 -36.39
CA ALA A 80 14.96 28.47 -37.64
C ALA A 80 15.34 27.00 -37.47
N ASP A 81 15.86 26.65 -36.30
CA ASP A 81 16.34 25.29 -36.05
C ASP A 81 15.19 24.29 -35.99
N ASP A 82 13.97 24.81 -35.83
CA ASP A 82 12.78 23.96 -35.72
C ASP A 82 12.23 23.44 -37.03
N ALA A 83 12.71 23.98 -38.14
CA ALA A 83 12.45 23.40 -39.45
C ALA A 83 12.84 21.91 -39.38
N ALA A 84 11.82 21.05 -39.42
CA ALA A 84 11.98 19.62 -39.24
C ALA A 84 10.67 18.88 -39.51
N PHE A 85 10.68 17.57 -39.26
CA PHE A 85 9.47 16.78 -39.26
C PHE A 85 9.11 16.49 -37.82
N TYR A 86 7.82 16.31 -37.56
CA TYR A 86 7.36 16.02 -36.22
C TYR A 86 6.40 14.87 -36.29
N TYR A 87 6.61 13.90 -35.41
CA TYR A 87 5.88 12.65 -35.40
C TYR A 87 5.28 12.44 -34.03
N CYS A 88 4.03 11.97 -33.97
CA CYS A 88 3.49 11.46 -32.71
C CYS A 88 3.50 9.94 -32.72
N GLN A 89 3.61 9.36 -31.53
CA GLN A 89 3.61 7.92 -31.34
C GLN A 89 2.66 7.52 -30.19
N ARG A 90 1.92 6.44 -30.40
CA ARG A 90 1.20 5.78 -29.31
C ARG A 90 2.21 5.00 -28.49
N ILE A 91 2.06 4.91 -27.17
CA ILE A 91 3.22 4.62 -26.36
C ILE A 91 3.24 3.38 -25.44
N TYR A 92 2.14 3.10 -24.75
CA TYR A 92 2.16 2.17 -23.63
C TYR A 92 1.85 0.75 -24.07
N ASN A 93 0.86 0.62 -24.96
CA ASN A 93 0.48 -0.67 -25.51
C ASN A 93 0.88 -0.86 -26.97
N SER A 94 1.12 -2.13 -27.31
CA SER A 94 1.49 -2.54 -28.65
C SER A 94 0.29 -2.58 -29.61
N PRO A 95 0.48 -2.15 -30.88
CA PRO A 95 1.70 -1.59 -31.49
C PRO A 95 1.91 -0.12 -31.17
N TYR A 96 3.19 0.29 -31.13
CA TYR A 96 3.55 1.68 -30.82
C TYR A 96 3.61 2.49 -32.11
N THR A 97 2.44 2.74 -32.69
CA THR A 97 2.31 3.24 -34.06
C THR A 97 2.71 4.71 -34.23
N PHE A 98 3.36 5.01 -35.34
CA PHE A 98 3.73 6.40 -35.66
C PHE A 98 2.73 7.10 -36.58
N GLY A 99 2.45 8.38 -36.28
CA GLY A 99 1.78 9.26 -37.22
C GLY A 99 2.65 9.43 -38.46
N ALA A 100 2.03 9.82 -39.59
CA ALA A 100 2.77 9.98 -40.84
C ALA A 100 3.59 11.28 -40.83
N GLY A 101 3.56 11.99 -39.71
CA GLY A 101 4.41 13.16 -39.50
C GLY A 101 3.82 14.41 -40.05
N THR A 102 4.25 15.55 -39.50
CA THR A 102 3.90 16.88 -40.03
C THR A 102 5.18 17.59 -40.44
N LYS A 103 5.17 18.28 -41.58
CA LYS A 103 6.40 18.98 -41.99
C LYS A 103 6.36 20.47 -41.69
N LEU A 104 7.38 20.95 -40.98
CA LEU A 104 7.41 22.34 -40.53
C LEU A 104 8.41 23.17 -41.31
N GLU A 105 7.90 23.93 -42.27
CA GLU A 105 8.73 24.76 -43.15
C GLU A 105 8.73 26.20 -42.65
N LEU A 106 9.78 26.94 -42.97
CA LEU A 106 9.93 28.28 -42.43
C LEU A 106 9.84 29.39 -43.47
N ILE A 107 9.36 30.54 -43.03
CA ILE A 107 9.30 31.71 -43.90
C ILE A 107 10.32 32.74 -43.45
N ARG A 108 11.12 33.20 -44.41
CA ARG A 108 12.11 34.24 -44.20
C ARG A 108 12.03 35.19 -45.38
N ALA A 109 12.71 36.34 -45.30
CA ALA A 109 12.77 37.31 -46.40
C ALA A 109 13.47 36.75 -47.63
N ASP A 110 13.16 37.30 -48.81
CA ASP A 110 13.78 36.84 -50.06
C ASP A 110 15.30 36.93 -50.00
N ALA A 111 15.96 35.85 -50.45
CA ALA A 111 17.41 35.80 -50.53
C ALA A 111 17.83 35.44 -51.95
N ALA A 112 18.75 36.22 -52.51
CA ALA A 112 19.32 35.97 -53.85
C ALA A 112 20.39 34.91 -53.73
N PRO A 113 20.45 33.96 -54.69
CA PRO A 113 21.39 32.83 -54.68
C PRO A 113 22.80 33.21 -55.04
N THR A 114 23.78 32.61 -54.37
CA THR A 114 25.18 32.75 -54.78
C THR A 114 25.42 31.61 -55.75
N VAL A 115 25.77 31.91 -57.01
CA VAL A 115 25.97 30.86 -58.01
C VAL A 115 27.40 30.74 -58.54
N SER A 116 27.93 29.53 -58.48
CA SER A 116 29.30 29.23 -58.82
C SER A 116 29.30 28.09 -59.81
N ILE A 117 30.21 28.17 -60.79
CA ILE A 117 30.27 27.18 -61.85
C ILE A 117 31.66 26.55 -61.87
N PHE A 118 31.72 25.25 -62.15
CA PHE A 118 33.01 24.55 -62.14
C PHE A 118 33.19 23.67 -63.37
N PRO A 119 34.33 23.82 -64.05
CA PRO A 119 34.66 22.95 -65.17
C PRO A 119 35.08 21.59 -64.65
N PRO A 120 35.13 20.56 -65.54
CA PRO A 120 35.60 19.27 -65.06
C PRO A 120 37.01 19.40 -64.51
N SER A 121 37.35 18.53 -63.58
CA SER A 121 38.69 18.53 -62.98
C SER A 121 39.64 17.90 -63.95
N MET A 122 40.92 18.26 -63.86
CA MET A 122 41.94 17.63 -64.70
C MET A 122 41.95 16.11 -64.53
N GLU A 123 41.79 15.68 -63.28
CA GLU A 123 41.66 14.28 -62.90
C GLU A 123 40.58 13.54 -63.69
N GLN A 124 39.37 14.10 -63.74
CA GLN A 124 38.24 13.45 -64.42
C GLN A 124 38.48 13.34 -65.91
N LEU A 125 39.13 14.34 -66.46
CA LEU A 125 39.40 14.43 -67.90
C LEU A 125 40.36 13.35 -68.39
N THR A 126 41.24 12.89 -67.51
CA THR A 126 42.17 11.81 -67.86
C THR A 126 41.44 10.46 -68.01
N SER A 127 40.38 10.27 -67.21
CA SER A 127 39.56 9.06 -67.29
C SER A 127 38.46 9.15 -68.37
N GLY A 128 38.52 10.19 -69.21
CA GLY A 128 37.57 10.37 -70.31
C GLY A 128 36.16 10.84 -69.93
N GLY A 129 36.01 11.28 -68.68
CA GLY A 129 34.72 11.82 -68.24
C GLY A 129 34.73 13.33 -68.16
N ALA A 130 33.55 13.92 -68.24
CA ALA A 130 33.42 15.34 -68.02
C ALA A 130 32.11 15.63 -67.30
N SER A 131 32.22 16.37 -66.22
CA SER A 131 31.06 16.77 -65.50
C SER A 131 31.24 18.23 -65.23
N VAL A 132 30.23 18.99 -65.60
CA VAL A 132 30.21 20.41 -65.33
C VAL A 132 29.24 20.64 -64.19
N VAL A 133 29.71 21.28 -63.13
CA VAL A 133 28.88 21.50 -61.95
C VAL A 133 28.55 22.98 -61.81
N CYS A 134 27.37 23.25 -61.25
CA CYS A 134 26.95 24.60 -60.96
C CYS A 134 26.23 24.60 -59.61
N PHE A 135 26.77 25.35 -58.65
CA PHE A 135 26.15 25.48 -57.35
C PHE A 135 25.31 26.75 -57.28
N VAL A 136 24.11 26.64 -56.72
CA VAL A 136 23.20 27.79 -56.52
C VAL A 136 22.81 27.81 -55.04
N ASN A 137 23.46 28.67 -54.27
CA ASN A 137 23.45 28.56 -52.80
C ASN A 137 22.69 29.64 -52.06
N ASN A 138 22.01 29.21 -50.99
CA ASN A 138 21.40 30.09 -50.02
C ASN A 138 20.39 31.08 -50.61
N PHE A 139 19.33 30.55 -51.21
CA PHE A 139 18.26 31.37 -51.74
C PHE A 139 16.91 31.17 -51.02
N TYR A 140 16.00 32.10 -51.21
CA TYR A 140 14.64 31.96 -50.74
C TYR A 140 13.77 32.87 -51.60
N PRO A 141 12.56 32.41 -52.03
CA PRO A 141 11.90 31.12 -51.78
C PRO A 141 12.48 29.97 -52.55
N ARG A 142 12.00 28.75 -52.24
CA ARG A 142 12.40 27.47 -52.84
C ARG A 142 12.30 27.50 -54.36
N ASP A 143 11.29 28.19 -54.85
CA ASP A 143 10.96 28.23 -56.27
C ASP A 143 12.07 28.84 -57.11
N ILE A 144 12.62 28.06 -58.03
CA ILE A 144 13.82 28.47 -58.76
C ILE A 144 14.00 27.62 -60.03
N SER A 145 14.44 28.23 -61.12
CA SER A 145 14.87 27.42 -62.26
C SER A 145 16.33 27.66 -62.64
N VAL A 146 17.04 26.56 -62.81
CA VAL A 146 18.45 26.55 -63.22
C VAL A 146 18.61 25.86 -64.59
N LYS A 147 19.35 26.47 -65.50
CA LYS A 147 19.43 25.93 -66.86
C LYS A 147 20.82 26.05 -67.47
N TRP A 148 21.15 25.09 -68.34
CA TRP A 148 22.46 24.96 -68.93
C TRP A 148 22.48 25.38 -70.39
N LYS A 149 23.55 26.06 -70.78
CA LYS A 149 23.74 26.46 -72.19
C LYS A 149 25.14 26.11 -72.65
N ILE A 150 25.22 25.27 -73.68
CA ILE A 150 26.47 24.99 -74.35
C ILE A 150 26.48 25.93 -75.54
N ASP A 151 27.51 26.78 -75.62
CA ASP A 151 27.63 27.77 -76.70
C ASP A 151 26.32 28.56 -76.98
N GLY A 152 25.73 29.14 -75.92
CA GLY A 152 24.51 29.95 -76.05
C GLY A 152 23.20 29.23 -76.33
N SER A 153 23.26 27.90 -76.47
CA SER A 153 22.08 27.08 -76.68
C SER A 153 21.73 26.18 -75.49
N GLU A 154 20.43 26.07 -75.23
CA GLU A 154 19.90 25.33 -74.09
C GLU A 154 20.27 23.87 -74.18
N GLN A 155 20.60 23.29 -73.02
CA GLN A 155 21.01 21.91 -72.91
C GLN A 155 20.16 21.22 -71.86
N ARG A 156 19.41 20.20 -72.26
CA ARG A 156 18.56 19.50 -71.30
C ARG A 156 19.10 18.10 -70.97
N ASP A 157 19.57 17.39 -71.98
CA ASP A 157 20.12 16.04 -71.79
C ASP A 157 21.26 16.04 -70.80
N GLY A 158 21.28 15.02 -69.95
CA GLY A 158 22.38 14.77 -69.05
C GLY A 158 22.53 15.75 -67.91
N VAL A 159 21.47 16.46 -67.57
CA VAL A 159 21.53 17.33 -66.40
C VAL A 159 20.73 16.70 -65.27
N LEU A 160 21.17 16.96 -64.03
CA LEU A 160 20.53 16.42 -62.83
C LEU A 160 20.56 17.45 -61.72
N ASP A 161 19.41 17.75 -61.14
CA ASP A 161 19.32 18.72 -60.05
C ASP A 161 19.11 18.02 -58.73
N SER A 162 19.50 18.70 -57.67
CA SER A 162 19.32 18.21 -56.33
C SER A 162 19.22 19.44 -55.42
N VAL A 163 18.26 19.46 -54.51
CA VAL A 163 18.05 20.60 -53.61
C VAL A 163 18.12 20.20 -52.13
N THR A 164 18.83 20.98 -51.33
CA THR A 164 18.99 20.70 -49.91
C THR A 164 17.67 20.88 -49.15
N ASP A 165 17.62 20.34 -47.94
CA ASP A 165 16.56 20.67 -46.98
C ASP A 165 16.80 22.11 -46.50
N GLN A 166 15.77 22.75 -45.95
CA GLN A 166 15.90 24.13 -45.50
C GLN A 166 16.95 24.27 -44.39
N ASP A 167 17.81 25.27 -44.54
CA ASP A 167 18.95 25.44 -43.64
C ASP A 167 18.55 25.82 -42.23
N SER A 168 19.25 25.25 -41.26
CA SER A 168 18.91 25.37 -39.84
C SER A 168 19.22 26.71 -39.20
N LYS A 169 20.03 27.53 -39.86
CA LYS A 169 20.36 28.82 -39.30
C LYS A 169 19.62 29.89 -40.08
N ASP A 170 19.85 29.94 -41.38
CA ASP A 170 19.37 31.06 -42.17
C ASP A 170 18.09 30.76 -42.99
N SER A 171 17.59 29.53 -42.88
CA SER A 171 16.31 29.15 -43.47
C SER A 171 16.28 29.30 -45.00
N THR A 172 17.45 29.19 -45.61
CA THR A 172 17.60 29.27 -47.05
C THR A 172 17.60 27.88 -47.69
N TYR A 173 17.54 27.86 -49.03
CA TYR A 173 17.68 26.64 -49.83
C TYR A 173 18.89 26.73 -50.75
N SER A 174 19.43 25.57 -51.15
CA SER A 174 20.58 25.51 -52.07
C SER A 174 20.45 24.36 -53.04
N MET A 175 20.91 24.53 -54.29
CA MET A 175 20.98 23.38 -55.22
C MET A 175 22.24 23.26 -56.04
N SER A 176 22.61 22.02 -56.32
CA SER A 176 23.68 21.71 -57.24
C SER A 176 23.06 21.08 -58.46
N SER A 177 23.71 21.31 -59.58
CA SER A 177 23.23 20.87 -60.85
C SER A 177 24.44 20.40 -61.61
N THR A 178 24.40 19.19 -62.12
CA THR A 178 25.53 18.66 -62.85
C THR A 178 25.14 18.39 -64.29
N LEU A 179 25.98 18.81 -65.24
CA LEU A 179 25.81 18.49 -66.64
C LEU A 179 26.87 17.47 -67.01
N SER A 180 26.48 16.22 -67.22
CA SER A 180 27.50 15.20 -67.42
C SER A 180 27.68 14.81 -68.88
N LEU A 181 28.92 14.87 -69.33
CA LEU A 181 29.27 14.63 -70.73
C LEU A 181 30.42 13.66 -70.87
N THR A 182 30.69 13.22 -72.10
CA THR A 182 31.92 12.50 -72.40
C THR A 182 33.02 13.53 -72.69
N LYS A 183 34.28 13.19 -72.41
CA LYS A 183 35.41 14.10 -72.73
C LYS A 183 35.39 14.50 -74.20
N VAL A 184 35.03 13.57 -75.09
CA VAL A 184 34.93 13.90 -76.51
C VAL A 184 33.92 15.03 -76.68
N GLU A 185 32.71 14.79 -76.18
CA GLU A 185 31.63 15.76 -76.29
C GLU A 185 32.03 17.12 -75.68
N TYR A 186 32.65 17.05 -74.49
CA TYR A 186 33.04 18.24 -73.76
C TYR A 186 33.92 19.14 -74.62
N GLU A 187 34.92 18.52 -75.25
CA GLU A 187 35.88 19.24 -76.07
C GLU A 187 35.34 19.57 -77.45
N ARG A 188 34.02 19.47 -77.63
CA ARG A 188 33.43 19.86 -78.89
C ARG A 188 32.67 21.18 -78.82
N HIS A 189 32.82 21.90 -77.71
CA HIS A 189 32.14 23.16 -77.48
C HIS A 189 32.97 24.00 -76.53
N ASN A 190 32.82 25.32 -76.58
CA ASN A 190 33.64 26.23 -75.78
C ASN A 190 32.92 26.81 -74.56
N LEU A 191 31.83 27.54 -74.79
CA LEU A 191 31.18 28.27 -73.71
C LEU A 191 30.21 27.37 -73.00
N TYR A 192 30.34 27.31 -71.68
CA TYR A 192 29.40 26.57 -70.84
C TYR A 192 28.82 27.52 -69.83
N THR A 193 27.49 27.58 -69.79
CA THR A 193 26.77 28.53 -68.94
C THR A 193 25.72 27.81 -68.07
N CYS A 194 25.61 28.18 -66.81
CA CYS A 194 24.36 27.90 -66.12
C CYS A 194 23.65 29.22 -65.84
N GLU A 195 22.37 29.25 -66.17
CA GLU A 195 21.56 30.46 -66.07
C GLU A 195 20.51 30.24 -65.00
N VAL A 196 20.44 31.19 -64.05
CA VAL A 196 19.59 31.05 -62.87
C VAL A 196 18.49 32.13 -62.85
N VAL A 197 17.24 31.69 -62.69
CA VAL A 197 16.09 32.61 -62.63
C VAL A 197 15.40 32.47 -61.28
N HIS A 198 15.15 33.60 -60.62
CA HIS A 198 14.63 33.65 -59.26
C HIS A 198 13.93 34.99 -59.00
N LYS A 199 12.90 34.99 -58.15
CA LYS A 199 12.18 36.20 -57.72
C LYS A 199 13.08 37.41 -57.48
N THR A 200 14.26 37.17 -56.96
CA THR A 200 15.15 38.22 -56.44
C THR A 200 15.83 39.09 -57.48
N SER A 201 15.66 38.76 -58.75
CA SER A 201 16.26 39.54 -59.84
C SER A 201 15.47 39.32 -61.10
N SER A 202 15.03 40.39 -61.75
CA SER A 202 14.29 40.26 -63.01
C SER A 202 15.17 39.65 -64.12
N SER A 203 16.39 40.15 -64.25
CA SER A 203 17.37 39.57 -65.16
C SER A 203 18.02 38.34 -64.53
N PRO A 204 18.18 37.25 -65.30
CA PRO A 204 18.67 36.01 -64.72
C PRO A 204 20.16 36.09 -64.40
N VAL A 205 20.58 35.35 -63.37
CA VAL A 205 21.98 35.35 -62.96
C VAL A 205 22.75 34.37 -63.83
N VAL A 206 23.81 34.87 -64.46
CA VAL A 206 24.55 34.09 -65.44
C VAL A 206 25.98 33.87 -64.98
N LYS A 207 26.38 32.61 -64.87
CA LYS A 207 27.76 32.29 -64.62
C LYS A 207 28.27 31.25 -65.62
N SER A 208 29.43 31.52 -66.22
CA SER A 208 29.94 30.66 -67.27
C SER A 208 31.45 30.67 -67.37
N PHE A 209 32.00 29.61 -67.97
CA PHE A 209 33.41 29.54 -68.25
C PHE A 209 33.62 29.14 -69.69
N ASN A 210 34.79 29.51 -70.21
CA ASN A 210 35.13 29.25 -71.59
C ASN A 210 36.31 28.27 -71.67
N ARG A 211 36.04 27.05 -72.15
CA ARG A 211 37.01 25.97 -72.24
C ARG A 211 38.40 26.39 -72.81
N GLN B 1 26.68 7.46 -21.74
CA GLN B 1 26.62 6.02 -21.39
C GLN B 1 25.66 5.23 -22.28
N VAL B 2 24.37 5.58 -22.31
CA VAL B 2 23.43 4.79 -23.14
C VAL B 2 23.66 4.99 -24.64
N GLN B 3 23.90 3.90 -25.36
CA GLN B 3 24.26 3.95 -26.79
C GLN B 3 23.91 2.68 -27.52
N LEU B 4 23.50 2.81 -28.77
CA LEU B 4 23.20 1.66 -29.62
C LEU B 4 23.81 1.90 -31.00
N LYS B 5 24.35 0.86 -31.63
CA LYS B 5 24.87 1.00 -32.99
C LYS B 5 24.37 -0.12 -33.89
N GLU B 6 23.70 0.23 -34.97
CA GLU B 6 23.14 -0.77 -35.89
C GLU B 6 24.19 -1.15 -36.94
N SER B 7 24.34 -2.44 -37.19
CA SER B 7 25.28 -2.88 -38.22
C SER B 7 24.71 -4.02 -39.04
N GLY B 8 25.15 -4.12 -40.28
CA GLY B 8 24.75 -5.20 -41.16
C GLY B 8 25.02 -4.88 -42.61
N PRO B 9 25.06 -5.92 -43.48
CA PRO B 9 25.24 -5.64 -44.92
C PRO B 9 24.24 -4.61 -45.41
N GLY B 10 24.77 -3.58 -46.10
CA GLY B 10 23.99 -2.41 -46.54
C GLY B 10 23.31 -2.59 -47.88
N LEU B 11 23.54 -3.75 -48.48
CA LEU B 11 22.93 -4.12 -49.75
C LEU B 11 22.43 -5.56 -49.65
N VAL B 12 21.16 -5.78 -49.94
CA VAL B 12 20.57 -7.12 -49.92
C VAL B 12 20.01 -7.43 -51.30
N GLN B 13 20.33 -8.61 -51.84
CA GLN B 13 19.73 -9.04 -53.11
C GLN B 13 18.28 -9.41 -52.80
N PRO B 14 17.31 -8.98 -53.65
CA PRO B 14 15.89 -9.27 -53.42
C PRO B 14 15.58 -10.75 -53.12
N SER B 15 14.51 -10.99 -52.37
CA SER B 15 14.11 -12.33 -51.88
C SER B 15 15.03 -12.94 -50.81
N GLN B 16 16.23 -12.40 -50.66
CA GLN B 16 17.12 -12.80 -49.57
C GLN B 16 16.65 -12.23 -48.24
N THR B 17 17.34 -12.59 -47.16
CA THR B 17 16.93 -12.14 -45.83
C THR B 17 17.89 -11.08 -45.31
N LEU B 18 17.32 -9.98 -44.84
CA LEU B 18 18.09 -8.94 -44.18
C LEU B 18 18.50 -9.39 -42.77
N SER B 19 19.75 -9.11 -42.42
CA SER B 19 20.26 -9.40 -41.09
C SER B 19 20.94 -8.17 -40.53
N LEU B 20 20.40 -7.62 -39.45
CA LEU B 20 21.09 -6.55 -38.75
C LEU B 20 21.37 -6.91 -37.30
N THR B 21 22.43 -6.32 -36.79
CA THR B 21 22.85 -6.45 -35.41
C THR B 21 22.78 -5.07 -34.77
N CYS B 22 22.38 -5.03 -33.51
CA CYS B 22 22.43 -3.79 -32.76
C CYS B 22 23.24 -4.07 -31.51
N THR B 23 24.41 -3.47 -31.39
CA THR B 23 25.18 -3.59 -30.16
C THR B 23 24.88 -2.40 -29.28
N VAL B 24 24.73 -2.70 -28.00
CA VAL B 24 24.13 -1.86 -27.00
C VAL B 24 25.17 -1.56 -25.90
N SER B 25 25.10 -0.37 -25.30
CA SER B 25 25.88 -0.11 -24.09
C SER B 25 25.15 0.87 -23.17
N GLY B 26 25.33 0.68 -21.87
CA GLY B 26 24.80 1.60 -20.88
C GLY B 26 23.52 1.14 -20.20
N PHE B 27 23.09 -0.09 -20.50
CA PHE B 27 21.90 -0.67 -19.88
C PHE B 27 21.86 -2.16 -20.12
N SER B 28 21.04 -2.88 -19.37
CA SER B 28 20.94 -4.32 -19.57
C SER B 28 19.78 -4.71 -20.50
N LEU B 29 20.02 -5.70 -21.34
CA LEU B 29 18.94 -6.32 -22.11
C LEU B 29 17.97 -7.09 -21.20
N THR B 30 18.45 -7.50 -20.03
CA THR B 30 17.73 -8.40 -19.12
C THR B 30 16.50 -7.77 -18.45
N SER B 31 16.50 -6.45 -18.33
CA SER B 31 15.41 -5.73 -17.69
C SER B 31 14.74 -4.71 -18.61
N ASN B 32 15.33 -4.43 -19.77
CA ASN B 32 14.74 -3.49 -20.72
C ASN B 32 14.38 -4.15 -22.06
N SER B 33 13.89 -3.37 -23.02
CA SER B 33 13.59 -3.92 -24.34
C SER B 33 14.24 -3.13 -25.45
N VAL B 34 14.53 -3.80 -26.55
CA VAL B 34 15.13 -3.11 -27.71
C VAL B 34 14.22 -3.31 -28.92
N HIS B 35 13.98 -2.23 -29.63
CA HIS B 35 12.98 -2.23 -30.71
C HIS B 35 13.58 -1.76 -32.01
N TRP B 36 13.05 -2.26 -33.12
CA TRP B 36 13.49 -1.78 -34.42
C TRP B 36 12.45 -0.87 -35.05
N VAL B 37 12.87 0.34 -35.40
CA VAL B 37 12.05 1.26 -36.16
C VAL B 37 12.76 1.48 -37.47
N ARG B 38 12.03 1.50 -38.57
CA ARG B 38 12.62 1.75 -39.89
C ARG B 38 11.96 2.94 -40.57
N GLN B 39 12.61 3.45 -41.60
CA GLN B 39 12.17 4.66 -42.25
C GLN B 39 12.60 4.73 -43.72
N PRO B 40 11.67 4.37 -44.66
CA PRO B 40 12.00 4.48 -46.09
C PRO B 40 12.28 5.94 -46.51
N PRO B 41 13.15 6.14 -47.50
CA PRO B 41 13.52 7.49 -47.95
C PRO B 41 12.30 8.36 -48.30
N GLY B 42 12.19 9.52 -47.67
CA GLY B 42 11.05 10.42 -47.89
C GLY B 42 9.79 9.99 -47.16
N LYS B 43 9.85 8.85 -46.48
CA LYS B 43 8.67 8.32 -45.82
C LYS B 43 8.79 8.45 -44.31
N GLY B 44 7.69 8.22 -43.60
CA GLY B 44 7.70 8.34 -42.15
C GLY B 44 8.31 7.17 -41.40
N LEU B 45 8.38 7.29 -40.08
CA LEU B 45 8.87 6.23 -39.20
C LEU B 45 7.86 5.11 -39.03
N GLU B 46 8.38 3.90 -38.80
CA GLU B 46 7.54 2.69 -38.63
C GLU B 46 8.09 1.75 -37.55
N TRP B 47 7.33 1.59 -36.47
CA TRP B 47 7.68 0.60 -35.47
C TRP B 47 7.54 -0.75 -36.13
N MET B 48 8.53 -1.61 -35.91
CA MET B 48 8.50 -2.95 -36.51
C MET B 48 8.20 -4.02 -35.48
N GLY B 49 9.01 -4.05 -34.43
CA GLY B 49 8.80 -4.95 -33.29
C GLY B 49 9.87 -4.73 -32.23
N GLY B 50 9.82 -5.52 -31.17
CA GLY B 50 10.89 -5.48 -30.18
C GLY B 50 10.99 -6.75 -29.37
N ILE B 51 12.06 -6.84 -28.60
CA ILE B 51 12.28 -7.97 -27.71
C ILE B 51 12.43 -7.50 -26.26
N TRP B 52 11.79 -8.20 -25.32
CA TRP B 52 11.71 -7.74 -23.95
C TRP B 52 12.76 -8.33 -23.02
N GLY B 53 12.74 -7.88 -21.78
CA GLY B 53 13.76 -8.28 -20.82
C GLY B 53 13.81 -9.77 -20.72
N ASP B 54 12.64 -10.40 -20.68
CA ASP B 54 12.52 -11.84 -20.44
C ASP B 54 12.49 -12.68 -21.72
N GLY B 55 12.64 -12.04 -22.87
CA GLY B 55 12.78 -12.76 -24.14
C GLY B 55 11.57 -12.73 -25.04
N ASP B 56 10.44 -12.31 -24.49
CA ASP B 56 9.19 -12.13 -25.24
C ASP B 56 9.38 -11.20 -26.41
N THR B 57 8.83 -11.57 -27.56
CA THR B 57 8.98 -10.78 -28.78
C THR B 57 7.64 -10.17 -29.14
N ASP B 58 7.68 -9.05 -29.81
CA ASP B 58 6.45 -8.34 -30.14
C ASP B 58 6.63 -7.68 -31.50
N TYR B 59 5.81 -8.11 -32.47
CA TYR B 59 5.92 -7.60 -33.83
C TYR B 59 4.70 -6.80 -34.23
N ASN B 60 4.80 -6.04 -35.32
CA ASN B 60 3.60 -5.42 -35.81
C ASN B 60 3.02 -6.20 -36.97
N SER B 61 1.71 -6.44 -36.88
CA SER B 61 0.96 -7.26 -37.82
C SER B 61 1.40 -7.15 -39.29
N ALA B 62 1.67 -5.95 -39.76
CA ALA B 62 2.10 -5.79 -41.15
C ALA B 62 3.29 -6.69 -41.52
N LEU B 63 4.14 -6.97 -40.54
CA LEU B 63 5.40 -7.65 -40.78
C LEU B 63 5.60 -8.90 -39.96
N LYS B 64 4.61 -9.24 -39.11
CA LYS B 64 4.61 -10.49 -38.32
C LYS B 64 5.22 -11.67 -39.10
N SER B 65 4.62 -12.01 -40.23
CA SER B 65 4.98 -13.23 -40.98
C SER B 65 6.42 -13.33 -41.49
N ARG B 66 7.11 -12.21 -41.61
CA ARG B 66 8.44 -12.24 -42.23
C ARG B 66 9.52 -11.53 -41.41
N LEU B 67 9.32 -11.50 -40.09
CA LEU B 67 10.20 -10.78 -39.19
C LEU B 67 10.55 -11.63 -37.97
N SER B 68 11.80 -11.49 -37.52
CA SER B 68 12.35 -12.34 -36.49
C SER B 68 13.35 -11.52 -35.68
N ILE B 69 13.06 -11.29 -34.40
CA ILE B 69 13.96 -10.52 -33.52
C ILE B 69 14.48 -11.41 -32.40
N SER B 70 15.79 -11.47 -32.24
CA SER B 70 16.37 -12.19 -31.10
C SER B 70 17.50 -11.40 -30.46
N ARG B 71 18.26 -12.06 -29.59
CA ARG B 71 19.28 -11.39 -28.84
C ARG B 71 20.32 -12.34 -28.31
N ASP B 72 21.52 -11.81 -28.08
CA ASP B 72 22.59 -12.54 -27.43
C ASP B 72 23.00 -11.69 -26.22
N THR B 73 22.43 -12.01 -25.06
CA THR B 73 22.57 -11.15 -23.88
C THR B 73 24.01 -11.13 -23.39
N SER B 74 24.78 -12.18 -23.72
CA SER B 74 26.19 -12.28 -23.33
C SER B 74 27.12 -11.34 -24.11
N LYS B 75 26.62 -10.76 -25.19
CA LYS B 75 27.41 -9.84 -26.00
C LYS B 75 26.66 -8.52 -26.26
N ASN B 76 25.63 -8.27 -25.47
CA ASN B 76 24.84 -7.06 -25.59
C ASN B 76 24.37 -6.82 -26.99
N GLN B 77 23.85 -7.86 -27.62
CA GLN B 77 23.43 -7.74 -29.02
C GLN B 77 22.01 -8.18 -29.26
N VAL B 78 21.31 -7.39 -30.06
CA VAL B 78 19.97 -7.69 -30.50
C VAL B 78 19.98 -7.76 -32.01
N PHE B 79 19.33 -8.78 -32.56
CA PHE B 79 19.34 -8.98 -34.00
C PHE B 79 17.98 -8.81 -34.64
N LEU B 80 18.01 -8.49 -35.93
CA LEU B 80 16.82 -8.36 -36.76
C LEU B 80 16.99 -9.16 -38.04
N LYS B 81 16.13 -10.15 -38.25
CA LYS B 81 16.10 -10.92 -39.50
C LYS B 81 14.79 -10.65 -40.21
N MET B 82 14.88 -10.32 -41.49
CA MET B 82 13.68 -10.09 -42.29
C MET B 82 13.74 -10.88 -43.59
N ASN B 83 12.61 -11.45 -43.97
CA ASN B 83 12.54 -12.40 -45.08
C ASN B 83 12.09 -11.78 -46.40
N SER B 84 12.51 -12.41 -47.49
CA SER B 84 12.15 -12.00 -48.84
C SER B 84 12.00 -10.48 -49.00
N LEU B 85 13.13 -9.79 -48.97
CA LEU B 85 13.17 -8.34 -49.19
C LEU B 85 12.73 -7.93 -50.58
N GLN B 86 12.13 -6.75 -50.66
CA GLN B 86 11.75 -6.12 -51.92
C GLN B 86 12.11 -4.63 -51.90
N THR B 87 11.81 -3.94 -52.99
CA THR B 87 12.01 -2.51 -53.13
C THR B 87 11.49 -1.72 -51.95
N ASP B 88 10.22 -1.94 -51.63
CA ASP B 88 9.52 -1.26 -50.53
C ASP B 88 10.14 -1.48 -49.15
N ASP B 89 11.26 -2.21 -49.09
CA ASP B 89 11.95 -2.52 -47.83
C ASP B 89 13.22 -1.70 -47.65
N THR B 90 13.64 -1.06 -48.73
CA THR B 90 14.75 -0.13 -48.69
C THR B 90 14.44 1.00 -47.70
N ALA B 91 15.27 1.12 -46.68
CA ALA B 91 15.02 2.06 -45.59
C ALA B 91 16.24 2.25 -44.67
N ILE B 92 16.12 3.18 -43.73
CA ILE B 92 17.03 3.22 -42.61
C ILE B 92 16.43 2.46 -41.44
N TYR B 93 17.25 1.62 -40.81
CA TYR B 93 16.80 0.79 -39.71
C TYR B 93 17.42 1.32 -38.44
N PHE B 94 16.58 1.69 -37.48
CA PHE B 94 17.06 2.19 -36.20
C PHE B 94 16.74 1.16 -35.14
N CYS B 95 17.66 0.89 -34.23
CA CYS B 95 17.28 0.23 -33.00
C CYS B 95 17.18 1.31 -31.94
N THR B 96 16.22 1.13 -31.04
CA THR B 96 15.92 2.13 -30.03
C THR B 96 15.22 1.45 -28.86
N PRO B 97 15.75 1.61 -27.64
CA PRO B 97 15.30 0.81 -26.51
C PRO B 97 14.20 1.47 -25.69
N LEU B 98 13.56 0.69 -24.82
CA LEU B 98 12.76 1.24 -23.74
C LEU B 98 13.48 0.90 -22.46
N ILE B 99 14.05 1.89 -21.79
CA ILE B 99 14.75 1.62 -20.52
C ILE B 99 14.04 2.34 -19.37
N GLY B 100 13.36 1.56 -18.56
CA GLY B 100 12.66 2.11 -17.39
C GLY B 100 11.45 2.95 -17.71
N SER B 101 11.13 3.10 -18.98
CA SER B 101 10.07 4.00 -19.41
C SER B 101 9.42 3.43 -20.65
N TRP B 102 8.36 4.09 -21.13
CA TRP B 102 7.59 3.57 -22.24
C TRP B 102 7.71 4.43 -23.46
N TYR B 103 8.66 5.36 -23.42
CA TYR B 103 8.98 6.24 -24.55
C TYR B 103 10.40 5.98 -25.06
N PHE B 104 10.65 6.37 -26.31
CA PHE B 104 11.91 6.10 -26.95
C PHE B 104 12.80 7.33 -26.89
N ASP B 105 13.50 7.50 -25.76
CA ASP B 105 14.35 8.68 -25.58
C ASP B 105 15.77 8.56 -26.11
N PHE B 106 16.23 7.33 -26.35
CA PHE B 106 17.54 7.08 -26.94
C PHE B 106 17.40 6.31 -28.26
N TRP B 107 18.19 6.71 -29.26
CA TRP B 107 18.14 6.12 -30.62
C TRP B 107 19.51 5.80 -31.15
N GLY B 108 19.63 4.69 -31.88
CA GLY B 108 20.87 4.43 -32.61
C GLY B 108 20.93 5.39 -33.79
N PRO B 109 22.12 5.58 -34.38
CA PRO B 109 22.16 6.47 -35.53
C PRO B 109 21.46 5.97 -36.79
N GLY B 110 21.23 4.66 -36.93
CA GLY B 110 20.61 4.10 -38.14
C GLY B 110 21.59 3.54 -39.18
N THR B 111 21.19 2.47 -39.88
CA THR B 111 21.88 1.99 -41.09
C THR B 111 20.93 1.90 -42.27
N MET B 112 21.42 2.34 -43.44
CA MET B 112 20.73 2.16 -44.71
C MET B 112 20.85 0.74 -45.17
N VAL B 113 19.76 0.20 -45.70
CA VAL B 113 19.77 -1.13 -46.29
C VAL B 113 19.05 -1.02 -47.64
N THR B 114 19.79 -1.04 -48.73
CA THR B 114 19.14 -1.09 -50.05
C THR B 114 18.81 -2.54 -50.44
N ALA B 115 17.57 -2.76 -50.91
CA ALA B 115 17.22 -4.01 -51.56
C ALA B 115 17.26 -3.79 -53.06
N SER B 116 18.32 -4.29 -53.69
CA SER B 116 18.53 -4.13 -55.12
C SER B 116 19.45 -5.23 -55.57
N SER B 117 19.35 -5.58 -56.85
CA SER B 117 20.17 -6.64 -57.45
C SER B 117 21.53 -6.12 -57.93
N ALA B 118 21.65 -4.80 -58.07
CA ALA B 118 22.89 -4.17 -58.54
C ALA B 118 24.06 -4.43 -57.62
N GLN B 119 25.27 -4.42 -58.19
CA GLN B 119 26.49 -4.64 -57.42
C GLN B 119 26.94 -3.34 -56.78
N THR B 120 27.68 -3.44 -55.69
CA THR B 120 28.33 -2.28 -55.08
C THR B 120 29.31 -1.62 -56.06
N THR B 121 29.33 -0.30 -56.09
CA THR B 121 30.32 0.41 -56.87
C THR B 121 30.89 1.56 -56.06
N ALA B 122 32.22 1.62 -55.98
CA ALA B 122 32.92 2.68 -55.25
C ALA B 122 32.78 4.01 -55.97
N PRO B 123 32.83 5.13 -55.23
CA PRO B 123 32.76 6.45 -55.86
C PRO B 123 34.07 6.92 -56.46
N SER B 124 33.96 7.77 -57.47
CA SER B 124 35.09 8.57 -57.92
C SER B 124 34.93 9.98 -57.39
N VAL B 125 36.00 10.51 -56.81
CA VAL B 125 35.92 11.76 -56.07
C VAL B 125 36.78 12.83 -56.75
N TYR B 126 36.20 14.00 -57.01
CA TYR B 126 36.84 14.99 -57.86
C TYR B 126 36.76 16.39 -57.26
N PRO B 127 37.88 17.13 -57.25
CA PRO B 127 37.86 18.48 -56.66
C PRO B 127 37.13 19.49 -57.55
N LEU B 128 36.46 20.45 -56.93
CA LEU B 128 35.85 21.50 -57.70
C LEU B 128 36.43 22.80 -57.23
N ALA B 129 37.23 23.40 -58.12
CA ALA B 129 37.89 24.67 -57.93
C ALA B 129 37.52 25.61 -59.08
N PRO B 130 37.42 26.93 -58.80
CA PRO B 130 37.10 27.93 -59.83
C PRO B 130 37.93 27.75 -61.10
N GLY B 131 37.25 27.89 -62.26
CA GLY B 131 37.57 27.22 -63.54
C GLY B 131 38.91 28.36 -64.44
N CYS B 132 39.04 29.66 -63.92
CA CYS B 132 40.08 30.72 -64.00
C CYS B 132 39.74 31.88 -62.99
N GLY B 133 39.49 31.41 -61.77
CA GLY B 133 39.13 32.30 -60.66
C GLY B 133 40.23 32.38 -59.62
N SER B 137 36.90 37.73 -56.06
CA SER B 137 36.05 37.71 -54.86
C SER B 137 36.73 37.05 -53.64
N SER B 138 36.73 37.76 -52.51
CA SER B 138 37.40 37.36 -51.25
C SER B 138 36.98 35.99 -50.72
N THR B 139 35.68 35.72 -50.80
CA THR B 139 35.12 34.44 -50.41
C THR B 139 34.88 33.64 -51.68
N VAL B 140 35.41 32.41 -51.72
CA VAL B 140 35.20 31.53 -52.86
C VAL B 140 34.48 30.29 -52.42
N THR B 141 33.56 29.82 -53.27
CA THR B 141 32.88 28.57 -53.08
C THR B 141 33.73 27.48 -53.73
N LEU B 142 34.05 26.45 -52.94
CA LEU B 142 34.74 25.29 -53.47
C LEU B 142 33.81 24.09 -53.31
N GLY B 143 34.17 22.94 -53.88
CA GLY B 143 33.27 21.79 -53.84
C GLY B 143 33.86 20.43 -54.13
N CYS B 144 33.15 19.41 -53.70
CA CYS B 144 33.54 18.06 -54.04
C CYS B 144 32.48 17.37 -54.89
N LEU B 145 32.95 16.72 -55.94
CA LEU B 145 32.10 15.90 -56.77
C LEU B 145 32.34 14.45 -56.41
N VAL B 146 31.27 13.77 -55.98
CA VAL B 146 31.35 12.36 -55.64
C VAL B 146 30.47 11.59 -56.59
N LYS B 147 31.06 10.83 -57.49
CA LYS B 147 30.36 10.36 -58.68
C LYS B 147 30.44 8.86 -58.95
N GLY B 148 29.29 8.26 -59.20
CA GLY B 148 29.21 6.91 -59.71
C GLY B 148 29.29 5.84 -58.63
N TYR B 149 28.55 6.03 -57.55
CA TYR B 149 28.56 5.03 -56.47
C TYR B 149 27.24 4.28 -56.24
N PHE B 150 27.34 3.07 -55.72
CA PHE B 150 26.16 2.33 -55.27
C PHE B 150 26.55 1.45 -54.08
N PRO B 151 25.66 1.34 -53.07
CA PRO B 151 24.42 2.04 -52.77
C PRO B 151 24.65 3.30 -51.94
N GLU B 152 23.58 3.98 -51.54
CA GLU B 152 23.71 5.09 -50.56
C GLU B 152 24.21 4.45 -49.28
N PRO B 153 24.62 5.20 -48.26
CA PRO B 153 25.02 6.56 -48.14
C PRO B 153 26.49 6.69 -48.48
N VAL B 154 26.88 7.95 -48.61
CA VAL B 154 28.25 8.34 -48.69
C VAL B 154 28.32 9.50 -47.72
N THR B 155 29.42 9.54 -46.98
CA THR B 155 29.71 10.60 -46.03
C THR B 155 30.68 11.56 -46.68
N VAL B 156 30.53 12.85 -46.37
CA VAL B 156 31.53 13.82 -46.80
C VAL B 156 31.72 14.91 -45.77
N THR B 157 32.96 15.07 -45.28
CA THR B 157 33.31 16.16 -44.36
C THR B 157 34.37 17.03 -45.02
N TRP B 158 34.68 18.17 -44.40
CA TRP B 158 35.71 19.06 -44.90
C TRP B 158 36.74 19.37 -43.82
N ASN B 159 38.03 19.29 -44.19
CA ASN B 159 39.13 19.36 -43.26
C ASN B 159 38.85 18.54 -41.99
N SER B 160 38.48 17.29 -42.21
CA SER B 160 38.22 16.30 -41.15
C SER B 160 37.22 16.79 -40.09
N GLY B 161 36.23 17.57 -40.53
CA GLY B 161 35.17 18.08 -39.65
C GLY B 161 35.35 19.54 -39.22
N ALA B 162 36.60 20.00 -39.18
CA ALA B 162 36.94 21.38 -38.80
C ALA B 162 36.25 22.42 -39.69
N LEU B 163 36.16 22.13 -41.00
CA LEU B 163 35.22 22.86 -41.86
C LEU B 163 33.87 22.16 -41.83
N SER B 164 32.92 22.82 -41.18
CA SER B 164 31.57 22.34 -41.01
C SER B 164 30.70 23.56 -41.17
N SER B 165 31.29 24.69 -40.77
CA SER B 165 30.76 26.03 -40.96
C SER B 165 29.82 26.16 -42.14
N ASP B 166 30.34 26.57 -43.29
CA ASP B 166 29.47 26.92 -44.41
C ASP B 166 29.20 25.78 -45.40
N VAL B 167 29.21 24.54 -44.93
CA VAL B 167 29.06 23.35 -45.80
C VAL B 167 27.63 23.12 -46.26
N HIS B 168 27.43 22.88 -47.56
CA HIS B 168 26.15 22.33 -48.10
C HIS B 168 26.46 21.04 -48.88
N THR B 169 25.96 19.93 -48.38
CA THR B 169 26.14 18.66 -49.06
C THR B 169 24.78 18.19 -49.57
N PHE B 170 24.68 17.97 -50.89
CA PHE B 170 23.37 17.86 -51.56
C PHE B 170 22.83 16.44 -51.69
N PRO B 171 21.51 16.26 -51.60
CA PRO B 171 20.91 14.95 -51.77
C PRO B 171 21.47 14.29 -52.99
N ALA B 172 21.81 13.02 -52.90
CA ALA B 172 22.33 12.30 -54.08
C ALA B 172 21.22 11.98 -55.05
N VAL B 173 21.56 11.97 -56.33
CA VAL B 173 20.58 11.63 -57.34
C VAL B 173 20.97 10.34 -58.07
N LEU B 174 19.99 9.45 -58.19
CA LEU B 174 20.16 8.15 -58.86
C LEU B 174 20.06 8.30 -60.38
N GLN B 175 20.94 7.60 -61.10
CA GLN B 175 20.91 7.59 -62.57
C GLN B 175 21.54 6.32 -63.08
N SER B 176 20.79 5.56 -63.88
CA SER B 176 21.24 4.25 -64.37
C SER B 176 21.92 3.42 -63.27
N GLY B 177 21.23 3.29 -62.14
CA GLY B 177 21.73 2.45 -61.05
C GLY B 177 23.02 2.92 -60.42
N LEU B 178 23.32 4.21 -60.57
CA LEU B 178 24.50 4.82 -59.94
C LEU B 178 24.20 6.21 -59.40
N TYR B 179 24.83 6.53 -58.27
CA TYR B 179 24.59 7.78 -57.57
C TYR B 179 25.67 8.81 -57.83
N THR B 180 25.26 10.08 -57.91
CA THR B 180 26.15 11.23 -57.89
C THR B 180 25.72 12.19 -56.78
N LEU B 181 26.71 12.72 -56.06
CA LEU B 181 26.50 13.63 -54.95
C LEU B 181 27.45 14.77 -55.17
N THR B 182 27.13 15.94 -54.62
CA THR B 182 28.12 17.03 -54.49
C THR B 182 28.09 17.67 -53.11
N SER B 183 29.14 18.42 -52.80
CA SER B 183 29.24 19.13 -51.54
C SER B 183 29.96 20.45 -51.80
N SER B 184 29.54 21.53 -51.14
CA SER B 184 30.19 22.81 -51.29
C SER B 184 30.62 23.38 -49.95
N VAL B 185 31.66 24.20 -49.97
CA VAL B 185 32.09 24.96 -48.80
C VAL B 185 32.52 26.29 -49.30
N THR B 186 32.57 27.27 -48.40
CA THR B 186 33.13 28.59 -48.73
C THR B 186 34.31 28.93 -47.80
N SER B 187 35.23 29.77 -48.30
CA SER B 187 36.48 30.10 -47.62
C SER B 187 37.03 31.47 -48.03
N SER B 188 37.52 32.21 -47.04
CA SER B 188 38.22 33.46 -47.34
C SER B 188 39.70 33.16 -47.50
N THR B 189 40.17 32.20 -46.74
CA THR B 189 41.59 31.95 -46.59
C THR B 189 42.15 31.04 -47.69
N TRP B 190 41.30 30.62 -48.62
CA TRP B 190 41.72 29.71 -49.72
C TRP B 190 42.97 30.23 -50.47
N PRO B 191 43.48 29.53 -51.50
CA PRO B 191 44.73 28.78 -51.56
C PRO B 191 45.51 28.63 -50.24
N SER B 192 45.96 29.74 -49.66
CA SER B 192 46.90 29.74 -48.51
C SER B 192 46.55 28.84 -47.33
N GLN B 193 45.27 28.68 -47.05
CA GLN B 193 44.82 27.71 -46.06
C GLN B 193 44.07 26.61 -46.77
N THR B 194 44.63 25.41 -46.71
CA THR B 194 44.09 24.25 -47.44
C THR B 194 42.64 23.93 -47.12
N VAL B 195 41.91 23.50 -48.14
CA VAL B 195 40.59 22.89 -47.93
C VAL B 195 40.48 21.54 -48.65
N THR B 196 40.12 20.53 -47.88
CA THR B 196 40.13 19.15 -48.33
C THR B 196 38.79 18.56 -47.98
N CYS B 197 38.21 17.81 -48.90
CA CYS B 197 37.00 17.07 -48.62
C CYS B 197 37.36 15.62 -48.32
N ASN B 198 36.70 15.06 -47.32
CA ASN B 198 36.94 13.71 -46.89
C ASN B 198 35.68 12.94 -47.22
N VAL B 199 35.78 11.93 -48.06
CA VAL B 199 34.61 11.09 -48.36
C VAL B 199 34.79 9.59 -48.10
N ALA B 200 33.76 9.04 -47.47
CA ALA B 200 33.70 7.64 -47.08
C ALA B 200 32.51 7.00 -47.79
N HIS B 201 32.68 5.76 -48.27
CA HIS B 201 31.57 4.97 -48.78
C HIS B 201 31.82 3.57 -48.32
N PRO B 202 31.25 3.22 -47.16
CA PRO B 202 31.53 1.98 -46.41
C PRO B 202 31.05 0.76 -47.18
N ALA B 203 29.97 0.93 -47.93
CA ALA B 203 29.47 -0.13 -48.78
C ALA B 203 30.61 -0.76 -49.61
N SER B 204 31.53 0.08 -50.08
CA SER B 204 32.63 -0.31 -50.95
C SER B 204 33.94 -0.19 -50.22
N SER B 205 33.87 0.10 -48.93
CA SER B 205 35.06 0.32 -48.11
C SER B 205 35.99 1.39 -48.69
N THR B 206 35.40 2.47 -49.19
CA THR B 206 36.18 3.54 -49.75
C THR B 206 36.32 4.66 -48.74
N LYS B 207 37.57 5.02 -48.46
CA LYS B 207 37.87 6.24 -47.75
C LYS B 207 38.88 7.03 -48.57
N VAL B 208 38.54 8.26 -48.90
CA VAL B 208 39.40 9.11 -49.74
C VAL B 208 39.31 10.60 -49.36
N ASP B 209 40.47 11.23 -49.26
CA ASP B 209 40.57 12.66 -49.08
C ASP B 209 41.02 13.28 -50.40
N GLN B 210 40.38 14.36 -50.82
CA GLN B 210 40.78 15.09 -52.02
C GLN B 210 40.98 16.55 -51.68
N LYS B 211 42.18 17.06 -51.93
CA LYS B 211 42.46 18.48 -51.78
C LYS B 211 41.96 19.23 -53.02
N ILE B 212 41.36 20.43 -52.90
CA ILE B 212 40.98 21.22 -54.07
C ILE B 212 42.04 22.32 -54.44
N VAL B 213 42.88 22.16 -55.27
CA VAL B 213 43.70 23.26 -55.35
C VAL B 213 43.52 23.82 -56.97
N PRO B 214 43.94 25.00 -57.03
CA PRO B 214 43.75 25.80 -58.18
C PRO B 214 43.84 25.05 -59.52
N ARG B 215 43.94 26.25 -60.38
CA ARG B 215 44.06 25.80 -61.63
C ARG B 215 45.00 26.61 -62.38
N ASP C 1 -4.65 -28.02 22.99
CA ASP C 1 -4.16 -26.70 21.83
C ASP C 1 -4.22 -25.34 22.75
N ILE C 2 -2.97 -24.80 22.86
CA ILE C 2 -2.83 -23.55 23.68
C ILE C 2 -3.34 -23.68 25.11
N VAL C 3 -2.43 -24.13 25.96
CA VAL C 3 -2.64 -24.14 27.39
C VAL C 3 -2.11 -22.80 27.87
N MET C 4 -2.83 -22.20 28.82
CA MET C 4 -2.43 -20.93 29.40
C MET C 4 -2.06 -21.11 30.85
N THR C 5 -0.79 -20.90 31.17
CA THR C 5 -0.26 -21.20 32.50
C THR C 5 0.16 -19.95 33.23
N GLN C 6 -0.49 -19.69 34.37
CA GLN C 6 -0.19 -18.52 35.17
C GLN C 6 0.55 -18.87 36.44
N SER C 7 1.69 -18.22 36.63
CA SER C 7 2.49 -18.38 37.83
C SER C 7 2.71 -17.01 38.50
N PRO C 8 2.84 -16.99 39.85
CA PRO C 8 2.52 -18.14 40.69
C PRO C 8 1.01 -18.17 40.97
N SER C 9 0.58 -19.16 41.74
CA SER C 9 -0.82 -19.35 42.09
C SER C 9 -1.35 -18.12 42.85
N SER C 10 -0.58 -17.62 43.80
CA SER C 10 -0.94 -16.45 44.58
C SER C 10 0.26 -15.73 45.18
N LEU C 11 0.09 -14.45 45.51
CA LEU C 11 1.16 -13.57 46.00
C LEU C 11 0.71 -12.75 47.19
N ALA C 12 1.58 -12.62 48.19
CA ALA C 12 1.38 -11.64 49.24
C ALA C 12 2.44 -10.54 49.05
N VAL C 13 2.01 -9.27 49.08
CA VAL C 13 2.84 -8.10 48.75
C VAL C 13 2.40 -6.88 49.58
N SER C 14 3.15 -5.78 49.58
CA SER C 14 2.86 -4.67 50.50
C SER C 14 2.57 -3.36 49.79
N ALA C 15 1.67 -2.57 50.37
CA ALA C 15 1.35 -1.26 49.78
C ALA C 15 2.65 -0.60 49.36
N GLY C 16 2.88 -0.51 48.05
CA GLY C 16 4.00 0.26 47.51
C GLY C 16 5.11 -0.52 46.86
N GLU C 17 4.98 -1.84 46.82
CA GLU C 17 6.02 -2.65 46.22
C GLU C 17 5.67 -3.00 44.79
N ARG C 18 6.68 -3.32 44.00
CA ARG C 18 6.49 -3.87 42.65
C ARG C 18 6.01 -5.31 42.77
N VAL C 19 5.11 -5.72 41.89
CA VAL C 19 4.81 -7.14 41.69
C VAL C 19 4.85 -7.50 40.22
N THR C 20 5.07 -8.78 39.96
CA THR C 20 5.14 -9.27 38.63
C THR C 20 4.43 -10.60 38.58
N LEU C 21 3.48 -10.72 37.66
CA LEU C 21 2.71 -11.93 37.45
C LEU C 21 3.18 -12.50 36.11
N ASN C 22 3.40 -13.82 36.05
CA ASN C 22 3.81 -14.46 34.80
C ASN C 22 2.68 -15.19 34.08
N CYS C 23 2.79 -15.32 32.76
CA CYS C 23 1.85 -16.10 31.96
C CYS C 23 2.58 -16.74 30.79
N LYS C 24 2.41 -18.05 30.65
CA LYS C 24 3.09 -18.80 29.60
C LYS C 24 2.15 -19.61 28.72
N ALA C 25 2.26 -19.38 27.42
CA ALA C 25 1.44 -20.03 26.40
C ALA C 25 2.19 -21.21 25.79
N SER C 26 1.51 -22.37 25.72
CA SER C 26 2.09 -23.58 25.12
C SER C 26 2.67 -23.37 23.71
N GLN C 27 2.10 -22.40 22.98
CA GLN C 27 2.57 -22.07 21.63
C GLN C 27 2.80 -20.57 21.47
N ASN C 28 3.51 -20.22 20.40
CA ASN C 28 3.78 -18.83 20.12
C ASN C 28 2.52 -18.15 19.66
N VAL C 29 2.30 -16.93 20.14
CA VAL C 29 1.14 -16.17 19.77
C VAL C 29 1.48 -14.68 19.70
N ARG C 30 2.76 -14.40 19.50
CA ARG C 30 3.21 -13.03 19.32
C ARG C 30 2.68 -12.24 20.49
N ASN C 31 1.94 -11.17 20.23
CA ASN C 31 1.44 -10.34 21.32
C ASN C 31 -0.07 -10.42 21.51
N ASN C 32 -0.65 -11.55 21.12
CA ASN C 32 -2.09 -11.72 21.23
C ASN C 32 -2.58 -12.14 22.60
N ILE C 33 -2.31 -11.26 23.57
CA ILE C 33 -2.65 -11.49 24.97
C ILE C 33 -3.44 -10.32 25.59
N ALA C 34 -4.37 -10.63 26.50
CA ALA C 34 -5.03 -9.60 27.31
C ALA C 34 -4.92 -9.89 28.81
N TRP C 35 -4.81 -8.85 29.63
CA TRP C 35 -4.83 -9.04 31.08
C TRP C 35 -6.08 -8.45 31.72
N TYR C 36 -6.67 -9.20 32.65
CA TYR C 36 -7.89 -8.75 33.31
C TYR C 36 -7.74 -8.79 34.82
N GLN C 37 -8.45 -7.90 35.49
CA GLN C 37 -8.53 -7.90 36.95
C GLN C 37 -9.96 -8.18 37.38
N GLN C 38 -10.11 -9.04 38.37
CA GLN C 38 -11.44 -9.34 38.90
C GLN C 38 -11.46 -9.33 40.43
N LYS C 39 -12.34 -8.54 41.01
CA LYS C 39 -12.73 -8.72 42.41
C LYS C 39 -13.91 -9.68 42.40
N PRO C 40 -13.91 -10.69 43.29
CA PRO C 40 -15.09 -11.55 43.41
C PRO C 40 -16.40 -10.76 43.47
N GLY C 41 -17.44 -11.34 42.88
CA GLY C 41 -18.76 -10.73 42.81
C GLY C 41 -18.87 -9.61 41.78
N GLN C 42 -17.84 -9.45 40.95
CA GLN C 42 -17.83 -8.40 39.95
C GLN C 42 -17.40 -8.99 38.62
N SER C 43 -17.79 -8.34 37.53
CA SER C 43 -17.26 -8.69 36.23
C SER C 43 -15.77 -8.34 36.13
N PRO C 44 -15.00 -9.11 35.34
CA PRO C 44 -13.63 -8.76 35.02
C PRO C 44 -13.49 -7.36 34.41
N LYS C 45 -12.36 -6.74 34.68
CA LYS C 45 -12.06 -5.44 34.13
C LYS C 45 -10.79 -5.58 33.34
N LEU C 46 -10.82 -5.15 32.08
CA LEU C 46 -9.65 -5.20 31.22
C LEU C 46 -8.62 -4.17 31.66
N LEU C 47 -7.39 -4.66 31.79
CA LEU C 47 -6.28 -3.85 32.18
C LEU C 47 -5.39 -3.57 31.00
N ILE C 48 -4.93 -4.63 30.34
CA ILE C 48 -3.94 -4.48 29.26
C ILE C 48 -4.24 -5.35 28.05
N TYR C 49 -4.10 -4.78 26.86
CA TYR C 49 -4.40 -5.52 25.66
C TYR C 49 -3.23 -5.53 24.68
N TYR C 50 -3.23 -6.57 23.85
CA TYR C 50 -2.15 -6.86 22.93
C TYR C 50 -0.80 -6.85 23.64
N ALA C 51 -0.79 -7.50 24.81
CA ALA C 51 0.41 -7.71 25.62
C ALA C 51 0.96 -6.49 26.36
N SER C 52 0.98 -5.34 25.71
CA SER C 52 1.67 -4.20 26.27
C SER C 52 0.86 -2.90 26.34
N TYR C 53 -0.38 -2.93 25.89
CA TYR C 53 -1.15 -1.68 25.85
C TYR C 53 -2.16 -1.56 26.95
N ARG C 54 -2.10 -0.42 27.62
CA ARG C 54 -2.94 -0.15 28.75
C ARG C 54 -4.27 0.45 28.30
N TYR C 55 -5.37 -0.15 28.73
CA TYR C 55 -6.72 0.29 28.38
C TYR C 55 -7.06 1.64 29.00
N THR C 56 -7.78 2.48 28.27
CA THR C 56 -8.21 3.77 28.82
C THR C 56 -8.80 3.59 30.21
N GLY C 57 -8.39 4.45 31.14
CA GLY C 57 -8.90 4.45 32.50
C GLY C 57 -8.01 3.70 33.45
N VAL C 58 -7.26 2.73 32.92
CA VAL C 58 -6.34 1.94 33.73
C VAL C 58 -5.21 2.85 34.22
N PRO C 59 -4.92 2.83 35.53
CA PRO C 59 -3.86 3.65 36.16
C PRO C 59 -2.43 3.34 35.70
N ASP C 60 -1.54 4.31 35.94
CA ASP C 60 -0.13 4.29 35.49
C ASP C 60 0.60 3.01 35.80
N ARG C 61 0.41 2.51 37.01
CA ARG C 61 1.27 1.48 37.58
C ARG C 61 1.14 0.08 36.98
N PHE C 62 0.08 -0.12 36.20
CA PHE C 62 -0.11 -1.37 35.46
C PHE C 62 0.62 -1.33 34.14
N THR C 63 1.49 -2.32 33.96
CA THR C 63 2.32 -2.40 32.78
C THR C 63 2.38 -3.85 32.30
N GLY C 64 2.53 -4.03 30.99
CA GLY C 64 2.56 -5.37 30.41
C GLY C 64 3.73 -5.54 29.45
N ASP C 65 4.39 -6.69 29.52
CA ASP C 65 5.61 -6.96 28.73
C ASP C 65 5.47 -8.31 28.06
N GLY C 66 6.20 -8.53 26.97
CA GLY C 66 6.28 -9.86 26.37
C GLY C 66 5.76 -10.04 24.96
N PHE C 67 6.28 -11.04 24.28
CA PHE C 67 5.95 -11.35 22.90
C PHE C 67 6.39 -12.77 22.65
N GLY C 68 5.61 -13.53 21.89
CA GLY C 68 5.89 -14.95 21.69
C GLY C 68 5.16 -15.86 22.68
N THR C 69 5.80 -16.15 23.80
CA THR C 69 5.25 -17.12 24.78
C THR C 69 5.29 -16.73 26.28
N ASP C 70 6.22 -15.89 26.70
CA ASP C 70 6.28 -15.45 28.10
C ASP C 70 5.80 -14.03 28.21
N PHE C 71 4.87 -13.80 29.14
CA PHE C 71 4.19 -12.52 29.27
C PHE C 71 4.16 -12.09 30.73
N THR C 72 4.14 -10.78 30.95
CA THR C 72 4.27 -10.27 32.29
C THR C 72 3.34 -9.09 32.58
N LEU C 73 2.45 -9.29 33.55
CA LEU C 73 1.76 -8.17 34.17
C LEU C 73 2.60 -7.69 35.35
N ALA C 74 2.85 -6.39 35.42
CA ALA C 74 3.59 -5.79 36.52
C ALA C 74 2.79 -4.68 37.17
N ILE C 75 2.91 -4.57 38.49
CA ILE C 75 2.37 -3.43 39.23
C ILE C 75 3.48 -2.66 39.97
N ASN C 76 3.76 -1.42 39.55
CA ASN C 76 4.71 -0.53 40.24
C ASN C 76 3.99 0.14 41.41
N SER C 77 4.52 -0.04 42.61
CA SER C 77 3.81 0.34 43.86
C SER C 77 2.30 -0.03 43.91
N VAL C 78 2.06 -1.25 44.36
CA VAL C 78 0.71 -1.78 44.54
C VAL C 78 -0.04 -0.94 45.58
N GLN C 79 -1.37 -0.98 45.51
CA GLN C 79 -2.20 -0.36 46.54
C GLN C 79 -3.30 -1.28 46.96
N ALA C 80 -3.92 -0.95 48.09
CA ALA C 80 -4.89 -1.83 48.70
C ALA C 80 -5.92 -2.28 47.69
N ASP C 81 -6.34 -1.37 46.80
CA ASP C 81 -7.40 -1.66 45.83
C ASP C 81 -7.03 -2.77 44.86
N ASP C 82 -5.73 -3.03 44.72
CA ASP C 82 -5.25 -4.05 43.79
C ASP C 82 -5.42 -5.47 44.28
N ALA C 83 -5.77 -5.66 45.55
CA ALA C 83 -6.19 -6.97 46.06
C ALA C 83 -7.29 -7.55 45.18
N ALA C 84 -6.94 -8.54 44.37
CA ALA C 84 -7.86 -9.13 43.39
C ALA C 84 -7.25 -10.34 42.69
N PHE C 85 -8.01 -10.93 41.77
CA PHE C 85 -7.50 -11.98 40.92
C PHE C 85 -7.11 -11.38 39.56
N TYR C 86 -6.06 -11.91 38.95
CA TYR C 86 -5.61 -11.43 37.65
C TYR C 86 -5.51 -12.60 36.67
N TYR C 87 -6.14 -12.43 35.51
CA TYR C 87 -6.18 -13.48 34.48
C TYR C 87 -5.57 -12.96 33.17
N CYS C 88 -4.82 -13.82 32.47
CA CYS C 88 -4.36 -13.54 31.10
C CYS C 88 -5.22 -14.33 30.14
N GLN C 89 -5.37 -13.83 28.93
CA GLN C 89 -6.16 -14.46 27.91
C GLN C 89 -5.46 -14.41 26.55
N ARG C 90 -5.54 -15.51 25.79
CA ARG C 90 -5.18 -15.50 24.35
C ARG C 90 -6.30 -14.78 23.62
N ILE C 91 -5.97 -14.07 22.54
CA ILE C 91 -6.84 -12.99 22.11
C ILE C 91 -7.38 -12.98 20.67
N TYR C 92 -6.54 -13.33 19.69
CA TYR C 92 -6.86 -13.03 18.30
C TYR C 92 -7.52 -14.21 17.64
N ASN C 93 -6.97 -15.40 17.92
CA ASN C 93 -7.46 -16.68 17.39
C ASN C 93 -8.21 -17.52 18.40
N SER C 94 -9.19 -18.26 17.90
CA SER C 94 -9.98 -19.19 18.68
C SER C 94 -9.14 -20.42 19.05
N PRO C 95 -9.27 -20.91 20.30
CA PRO C 95 -10.08 -20.47 21.42
C PRO C 95 -9.40 -19.34 22.20
N TYR C 96 -10.18 -18.42 22.74
CA TYR C 96 -9.64 -17.35 23.55
C TYR C 96 -9.50 -17.79 25.01
N THR C 97 -8.58 -18.73 25.25
CA THR C 97 -8.45 -19.40 26.55
C THR C 97 -7.93 -18.49 27.67
N PHE C 98 -8.47 -18.67 28.87
CA PHE C 98 -8.01 -17.93 30.03
C PHE C 98 -7.07 -18.74 30.90
N GLY C 99 -6.05 -18.07 31.44
CA GLY C 99 -5.24 -18.66 32.50
C GLY C 99 -6.10 -18.91 33.74
N ALA C 100 -5.60 -19.72 34.66
CA ALA C 100 -6.39 -20.01 35.84
C ALA C 100 -6.25 -18.93 36.89
N GLY C 101 -5.56 -17.84 36.53
CA GLY C 101 -5.50 -16.66 37.37
C GLY C 101 -4.39 -16.69 38.40
N THR C 102 -3.95 -15.51 38.84
CA THR C 102 -3.07 -15.39 40.02
C THR C 102 -3.81 -14.60 41.11
N LYS C 103 -3.66 -15.00 42.38
CA LYS C 103 -4.31 -14.24 43.47
C LYS C 103 -3.35 -13.26 44.14
N LEU C 104 -3.75 -12.00 44.20
CA LEU C 104 -2.91 -10.95 44.78
C LEU C 104 -3.40 -10.52 46.16
N GLU C 105 -2.76 -11.07 47.19
CA GLU C 105 -3.09 -10.79 48.57
C GLU C 105 -2.19 -9.69 49.10
N LEU C 106 -2.71 -8.90 50.03
CA LEU C 106 -1.99 -7.76 50.55
C LEU C 106 -1.50 -7.93 51.98
N ILE C 107 -0.38 -7.29 52.27
CA ILE C 107 0.20 -7.30 53.61
C ILE C 107 0.05 -5.90 54.20
N ARG C 108 -0.50 -5.88 55.42
CA ARG C 108 -0.65 -4.65 56.17
C ARG C 108 -0.31 -4.91 57.61
N ALA C 109 -0.29 -3.83 58.37
CA ALA C 109 -0.12 -3.91 59.81
C ALA C 109 -1.25 -4.73 60.47
N ASP C 110 -0.90 -5.40 61.56
CA ASP C 110 -1.87 -6.13 62.35
C ASP C 110 -3.06 -5.26 62.69
N ALA C 111 -4.26 -5.82 62.60
CA ALA C 111 -5.46 -5.12 62.99
C ALA C 111 -6.32 -6.04 63.84
N ALA C 112 -6.69 -5.54 65.01
CA ALA C 112 -7.54 -6.25 65.97
C ALA C 112 -8.99 -6.25 65.49
N PRO C 113 -9.70 -7.37 65.66
CA PRO C 113 -11.07 -7.46 65.16
C PRO C 113 -12.08 -6.82 66.10
N THR C 114 -13.12 -6.22 65.54
CA THR C 114 -14.22 -5.69 66.35
C THR C 114 -15.24 -6.80 66.37
N VAL C 115 -15.61 -7.26 67.55
CA VAL C 115 -16.56 -8.36 67.63
C VAL C 115 -17.88 -7.98 68.29
N SER C 116 -18.96 -8.42 67.66
CA SER C 116 -20.31 -8.09 68.05
C SER C 116 -21.07 -9.40 68.08
N ILE C 117 -21.89 -9.59 69.11
CA ILE C 117 -22.74 -10.78 69.23
C ILE C 117 -24.23 -10.40 69.25
N PHE C 118 -25.08 -11.21 68.66
CA PHE C 118 -26.49 -10.90 68.53
C PHE C 118 -27.33 -12.08 68.93
N PRO C 119 -28.26 -11.87 69.86
CA PRO C 119 -29.18 -12.95 70.18
C PRO C 119 -30.26 -13.10 69.09
N PRO C 120 -30.99 -14.21 69.09
CA PRO C 120 -32.08 -14.37 68.14
C PRO C 120 -33.02 -13.17 68.20
N SER C 121 -33.62 -12.83 67.08
CA SER C 121 -34.58 -11.75 67.03
C SER C 121 -35.89 -12.28 67.60
N MET C 122 -36.72 -11.39 68.15
CA MET C 122 -38.09 -11.77 68.59
C MET C 122 -38.83 -12.45 67.44
N GLU C 123 -38.75 -11.87 66.24
CA GLU C 123 -39.39 -12.44 65.07
C GLU C 123 -39.04 -13.92 64.83
N GLN C 124 -37.75 -14.26 64.88
CA GLN C 124 -37.29 -15.63 64.64
C GLN C 124 -37.84 -16.55 65.69
N LEU C 125 -37.84 -16.08 66.94
CA LEU C 125 -38.29 -16.90 68.05
C LEU C 125 -39.79 -17.24 68.03
N THR C 126 -40.62 -16.45 67.35
CA THR C 126 -42.03 -16.83 67.20
C THR C 126 -42.19 -18.00 66.24
N SER C 127 -41.33 -18.07 65.22
CA SER C 127 -41.33 -19.21 64.29
C SER C 127 -40.58 -20.46 64.84
N GLY C 128 -40.20 -20.44 66.13
CA GLY C 128 -39.53 -21.58 66.77
C GLY C 128 -38.07 -21.81 66.37
N GLY C 129 -37.44 -20.81 65.75
CA GLY C 129 -36.03 -20.90 65.41
C GLY C 129 -35.16 -20.06 66.32
N ALA C 130 -33.90 -20.45 66.45
CA ALA C 130 -32.93 -19.65 67.19
C ALA C 130 -31.59 -19.64 66.46
N SER C 131 -31.13 -18.43 66.17
CA SER C 131 -29.87 -18.29 65.52
C SER C 131 -29.11 -17.22 66.28
N VAL C 132 -27.92 -17.59 66.75
CA VAL C 132 -27.07 -16.67 67.46
C VAL C 132 -25.95 -16.30 66.49
N VAL C 133 -25.77 -14.99 66.27
CA VAL C 133 -24.83 -14.49 65.30
C VAL C 133 -23.72 -13.75 66.00
N CYS C 134 -22.53 -13.84 65.43
CA CYS C 134 -21.37 -13.17 65.96
C CYS C 134 -20.56 -12.64 64.76
N PHE C 135 -20.43 -11.32 64.66
CA PHE C 135 -19.56 -10.70 63.66
C PHE C 135 -18.16 -10.44 64.21
N VAL C 136 -17.17 -10.67 63.36
CA VAL C 136 -15.79 -10.47 63.70
C VAL C 136 -15.19 -9.66 62.56
N ASN C 137 -15.08 -8.34 62.77
CA ASN C 137 -14.84 -7.42 61.68
C ASN C 137 -13.49 -6.72 61.59
N ASN C 138 -12.99 -6.63 60.37
CA ASN C 138 -11.80 -5.84 60.04
C ASN C 138 -10.55 -6.21 60.83
N PHE C 139 -10.07 -7.44 60.63
CA PHE C 139 -8.84 -7.90 61.27
C PHE C 139 -7.77 -8.21 60.25
N TYR C 140 -6.52 -8.27 60.70
CA TYR C 140 -5.42 -8.76 59.90
C TYR C 140 -4.39 -9.26 60.86
N PRO C 141 -3.73 -10.40 60.56
CA PRO C 141 -3.89 -11.28 59.37
C PRO C 141 -5.14 -12.15 59.35
N ARG C 142 -5.29 -12.92 58.26
CA ARG C 142 -6.44 -13.79 58.01
C ARG C 142 -6.59 -14.84 59.08
N ASP C 143 -5.46 -15.34 59.56
CA ASP C 143 -5.39 -16.40 60.58
C ASP C 143 -6.13 -16.03 61.89
N ILE C 144 -7.18 -16.77 62.21
CA ILE C 144 -8.07 -16.40 63.34
C ILE C 144 -8.94 -17.58 63.72
N SER C 145 -9.12 -17.80 65.01
CA SER C 145 -10.13 -18.79 65.43
C SER C 145 -11.27 -18.16 66.22
N VAL C 146 -12.50 -18.51 65.82
CA VAL C 146 -13.75 -18.04 66.47
C VAL C 146 -14.53 -19.22 67.06
N LYS C 147 -14.93 -19.13 68.32
CA LYS C 147 -15.52 -20.29 68.96
C LYS C 147 -16.66 -19.93 69.89
N TRP C 148 -17.64 -20.82 69.97
CA TRP C 148 -18.88 -20.62 70.71
C TRP C 148 -18.87 -21.33 72.05
N LYS C 149 -19.49 -20.72 73.06
CA LYS C 149 -19.64 -21.34 74.37
C LYS C 149 -21.05 -21.15 74.89
N ILE C 150 -21.76 -22.26 75.13
CA ILE C 150 -23.04 -22.24 75.86
C ILE C 150 -22.69 -22.48 77.34
N ASP C 151 -23.10 -21.56 78.21
CA ASP C 151 -22.83 -21.67 79.65
C ASP C 151 -21.38 -22.07 79.98
N GLY C 152 -20.43 -21.40 79.36
CA GLY C 152 -19.04 -21.63 79.67
C GLY C 152 -18.40 -22.84 79.02
N SER C 153 -19.18 -23.61 78.26
CA SER C 153 -18.63 -24.78 77.59
C SER C 153 -18.70 -24.68 76.09
N GLU C 154 -17.66 -25.20 75.46
CA GLU C 154 -17.45 -25.16 74.03
C GLU C 154 -18.60 -25.82 73.26
N GLN C 155 -18.97 -25.21 72.15
CA GLN C 155 -20.10 -25.63 71.33
C GLN C 155 -19.65 -25.74 69.88
N ARG C 156 -19.64 -26.97 69.37
CA ARG C 156 -19.20 -27.23 68.00
C ARG C 156 -20.35 -27.51 67.03
N ASP C 157 -21.38 -28.23 67.47
CA ASP C 157 -22.50 -28.60 66.61
C ASP C 157 -23.32 -27.36 66.25
N GLY C 158 -23.74 -27.30 64.99
CA GLY C 158 -24.60 -26.23 64.46
C GLY C 158 -23.97 -24.85 64.31
N VAL C 159 -22.64 -24.80 64.18
CA VAL C 159 -21.98 -23.53 63.89
C VAL C 159 -21.52 -23.54 62.44
N LEU C 160 -21.42 -22.35 61.84
CA LEU C 160 -20.94 -22.21 60.47
C LEU C 160 -20.23 -20.86 60.31
N ASP C 161 -19.00 -20.90 59.80
CA ASP C 161 -18.17 -19.72 59.62
C ASP C 161 -18.29 -19.27 58.17
N SER C 162 -18.04 -17.99 57.93
CA SER C 162 -17.96 -17.45 56.57
C SER C 162 -17.00 -16.25 56.62
N VAL C 163 -16.09 -16.12 55.65
CA VAL C 163 -15.07 -15.04 55.70
C VAL C 163 -15.04 -14.18 54.43
N THR C 164 -15.03 -12.87 54.58
CA THR C 164 -15.03 -12.05 53.37
C THR C 164 -13.72 -12.14 52.60
N ASP C 165 -13.75 -11.63 51.38
CA ASP C 165 -12.53 -11.38 50.63
C ASP C 165 -11.86 -10.14 51.23
N GLN C 166 -10.58 -9.94 50.93
CA GLN C 166 -9.86 -8.80 51.49
C GLN C 166 -10.49 -7.45 51.11
N ASP C 167 -10.63 -6.57 52.11
CA ASP C 167 -11.26 -5.27 51.89
C ASP C 167 -10.45 -4.38 50.96
N SER C 168 -11.15 -3.70 50.06
CA SER C 168 -10.53 -2.87 49.04
C SER C 168 -9.89 -1.57 49.53
N LYS C 169 -10.25 -1.13 50.73
CA LYS C 169 -9.71 0.13 51.25
C LYS C 169 -8.65 -0.16 52.30
N ASP C 170 -9.03 -0.91 53.33
CA ASP C 170 -8.16 -1.09 54.47
C ASP C 170 -7.44 -2.46 54.53
N SER C 171 -7.66 -3.29 53.52
CA SER C 171 -6.92 -4.57 53.39
C SER C 171 -7.15 -5.54 54.54
N THR C 172 -8.24 -5.39 55.27
CA THR C 172 -8.52 -6.29 56.38
C THR C 172 -9.54 -7.36 55.98
N TYR C 173 -9.76 -8.33 56.87
CA TYR C 173 -10.72 -9.41 56.69
C TYR C 173 -11.80 -9.36 57.76
N SER C 174 -12.98 -9.86 57.42
CA SER C 174 -14.10 -9.97 58.36
C SER C 174 -14.84 -11.34 58.32
N MET C 175 -15.33 -11.83 59.45
CA MET C 175 -16.14 -13.05 59.42
C MET C 175 -17.40 -13.05 60.28
N SER C 176 -18.43 -13.71 59.76
CA SER C 176 -19.62 -13.96 60.52
C SER C 176 -19.73 -15.46 60.81
N SER C 177 -20.24 -15.75 62.00
CA SER C 177 -20.38 -17.09 62.47
C SER C 177 -21.76 -17.20 63.09
N THR C 178 -22.50 -18.23 62.70
CA THR C 178 -23.84 -18.44 63.26
C THR C 178 -23.91 -19.74 64.05
N LEU C 179 -24.52 -19.67 65.23
CA LEU C 179 -24.83 -20.86 66.00
C LEU C 179 -26.31 -21.15 65.89
N SER C 180 -26.68 -22.20 65.18
CA SER C 180 -28.10 -22.36 64.90
C SER C 180 -28.75 -23.42 65.77
N LEU C 181 -29.76 -23.01 66.53
CA LEU C 181 -30.45 -23.91 67.46
C LEU C 181 -31.97 -23.88 67.26
N THR C 182 -32.69 -24.77 67.94
CA THR C 182 -34.15 -24.73 68.03
C THR C 182 -34.53 -23.83 69.20
N LYS C 183 -35.68 -23.16 69.14
CA LYS C 183 -36.14 -22.30 70.24
C LYS C 183 -36.16 -23.08 71.54
N VAL C 184 -36.54 -24.35 71.45
CA VAL C 184 -36.55 -25.18 72.64
C VAL C 184 -35.13 -25.29 73.21
N GLU C 185 -34.18 -25.67 72.36
CA GLU C 185 -32.79 -25.75 72.79
C GLU C 185 -32.29 -24.39 73.32
N TYR C 186 -32.67 -23.32 72.65
CA TYR C 186 -32.15 -22.02 72.99
C TYR C 186 -32.45 -21.69 74.43
N GLU C 187 -33.72 -21.87 74.80
CA GLU C 187 -34.20 -21.51 76.10
C GLU C 187 -33.79 -22.52 77.17
N ARG C 188 -32.91 -23.44 76.84
CA ARG C 188 -32.41 -24.38 77.86
C ARG C 188 -31.05 -24.03 78.42
N HIS C 189 -30.56 -22.82 78.12
CA HIS C 189 -29.23 -22.37 78.50
C HIS C 189 -29.24 -20.86 78.62
N ASN C 190 -28.34 -20.30 79.44
CA ASN C 190 -28.32 -18.86 79.71
C ASN C 190 -27.27 -18.10 78.97
N LEU C 191 -26.01 -18.38 79.26
CA LEU C 191 -24.95 -17.54 78.69
C LEU C 191 -24.56 -18.06 77.32
N TYR C 192 -24.42 -17.13 76.39
CA TYR C 192 -23.98 -17.45 75.04
C TYR C 192 -22.75 -16.59 74.73
N THR C 193 -21.65 -17.23 74.37
CA THR C 193 -20.39 -16.53 74.15
C THR C 193 -19.81 -16.88 72.77
N CYS C 194 -19.28 -15.88 72.05
CA CYS C 194 -18.29 -16.17 71.01
C CYS C 194 -16.95 -15.64 71.45
N GLU C 195 -15.96 -16.53 71.38
CA GLU C 195 -14.62 -16.27 71.87
C GLU C 195 -13.66 -16.18 70.69
N VAL C 196 -12.93 -15.07 70.61
CA VAL C 196 -12.08 -14.80 69.43
C VAL C 196 -10.58 -14.74 69.79
N VAL C 197 -9.80 -15.56 69.09
CA VAL C 197 -8.37 -15.65 69.34
C VAL C 197 -7.61 -15.18 68.10
N HIS C 198 -6.67 -14.26 68.30
CA HIS C 198 -5.98 -13.58 67.20
C HIS C 198 -4.62 -13.02 67.65
N LYS C 199 -3.63 -13.00 66.74
CA LYS C 199 -2.28 -12.43 67.00
C LYS C 199 -2.31 -11.14 67.81
N THR C 200 -3.31 -10.30 67.55
CA THR C 200 -3.35 -8.93 68.08
C THR C 200 -3.58 -8.81 69.58
N SER C 201 -3.85 -9.93 70.25
CA SER C 201 -4.09 -9.92 71.68
C SER C 201 -3.80 -11.30 72.26
N SER C 202 -3.02 -11.38 73.33
CA SER C 202 -2.70 -12.68 73.92
C SER C 202 -3.93 -13.29 74.62
N SER C 203 -4.66 -12.47 75.38
CA SER C 203 -5.94 -12.92 75.91
C SER C 203 -7.04 -12.79 74.84
N PRO C 204 -7.89 -13.83 74.70
CA PRO C 204 -8.92 -13.87 73.68
C PRO C 204 -10.02 -12.85 73.92
N VAL C 205 -10.56 -12.29 72.84
CA VAL C 205 -11.68 -11.35 72.95
C VAL C 205 -12.99 -12.11 73.17
N VAL C 206 -13.65 -11.77 74.27
CA VAL C 206 -14.86 -12.47 74.68
C VAL C 206 -16.06 -11.55 74.64
N LYS C 207 -17.06 -11.91 73.84
CA LYS C 207 -18.33 -11.19 73.81
C LYS C 207 -19.49 -12.14 74.00
N SER C 208 -20.41 -11.76 74.87
CA SER C 208 -21.49 -12.67 75.27
C SER C 208 -22.74 -11.95 75.75
N PHE C 209 -23.89 -12.62 75.68
CA PHE C 209 -25.09 -12.12 76.36
C PHE C 209 -25.70 -13.21 77.18
N ASN C 210 -26.48 -12.81 78.18
CA ASN C 210 -27.26 -13.72 79.02
C ASN C 210 -28.75 -13.64 78.71
N ARG C 211 -29.29 -14.75 78.20
CA ARG C 211 -30.72 -14.87 77.94
C ARG C 211 -31.61 -14.29 79.06
N GLN D 1 -23.11 4.25 27.44
CA GLN D 1 -23.77 3.71 26.23
C GLN D 1 -23.67 2.20 26.02
N VAL D 2 -22.45 1.65 25.95
CA VAL D 2 -22.28 0.20 25.73
C VAL D 2 -22.68 -0.64 26.96
N GLN D 3 -23.62 -1.58 26.79
CA GLN D 3 -24.18 -2.33 27.92
C GLN D 3 -24.75 -3.68 27.55
N LEU D 4 -24.60 -4.66 28.45
CA LEU D 4 -25.14 -6.02 28.26
C LEU D 4 -25.80 -6.50 29.55
N LYS D 5 -26.97 -7.15 29.47
CA LYS D 5 -27.56 -7.80 30.66
C LYS D 5 -27.94 -9.23 30.33
N GLU D 6 -27.42 -10.17 31.13
CA GLU D 6 -27.72 -11.59 31.00
C GLU D 6 -28.99 -11.92 31.76
N SER D 7 -29.84 -12.74 31.15
CA SER D 7 -31.16 -13.03 31.68
C SER D 7 -31.54 -14.49 31.43
N GLY D 8 -32.21 -15.12 32.39
CA GLY D 8 -32.67 -16.52 32.21
C GLY D 8 -33.03 -17.17 33.53
N PRO D 9 -33.67 -18.37 33.48
CA PRO D 9 -33.96 -19.12 34.70
C PRO D 9 -32.68 -19.34 35.48
N GLY D 10 -32.71 -19.05 36.77
CA GLY D 10 -31.54 -19.14 37.62
C GLY D 10 -31.35 -20.51 38.22
N LEU D 11 -32.30 -21.40 37.96
CA LEU D 11 -32.28 -22.76 38.47
C LEU D 11 -32.69 -23.68 37.34
N VAL D 12 -31.85 -24.67 37.04
CA VAL D 12 -32.15 -25.62 35.99
C VAL D 12 -32.12 -27.02 36.57
N GLN D 13 -33.15 -27.84 36.29
CA GLN D 13 -33.11 -29.21 36.78
C GLN D 13 -32.15 -29.98 35.92
N PRO D 14 -31.34 -30.88 36.52
CA PRO D 14 -30.27 -31.59 35.78
C PRO D 14 -30.78 -32.31 34.53
N SER D 15 -29.89 -32.46 33.54
CA SER D 15 -30.18 -33.02 32.20
C SER D 15 -31.12 -32.16 31.32
N GLN D 16 -31.75 -31.14 31.91
CA GLN D 16 -32.47 -30.15 31.11
C GLN D 16 -31.51 -29.13 30.47
N THR D 17 -32.05 -28.26 29.62
CA THR D 17 -31.21 -27.34 28.87
C THR D 17 -31.24 -25.92 29.45
N LEU D 18 -30.07 -25.36 29.65
CA LEU D 18 -29.95 -23.99 30.08
C LEU D 18 -30.25 -23.04 28.91
N SER D 19 -31.04 -22.00 29.17
CA SER D 19 -31.35 -20.99 28.19
C SER D 19 -31.17 -19.60 28.78
N LEU D 20 -30.22 -18.84 28.23
CA LEU D 20 -30.00 -17.48 28.65
C LEU D 20 -30.10 -16.55 27.46
N THR D 21 -30.51 -15.32 27.73
CA THR D 21 -30.52 -14.26 26.74
C THR D 21 -29.60 -13.17 27.25
N CYS D 22 -28.89 -12.54 26.31
CA CYS D 22 -28.11 -11.33 26.58
C CYS D 22 -28.73 -10.18 25.78
N THR D 23 -29.29 -9.20 26.48
CA THR D 23 -29.79 -8.00 25.80
C THR D 23 -28.70 -6.94 25.79
N VAL D 24 -28.50 -6.33 24.63
CA VAL D 24 -27.35 -5.51 24.32
C VAL D 24 -27.78 -4.09 23.99
N SER D 25 -26.97 -3.10 24.33
CA SER D 25 -27.22 -1.74 23.82
C SER D 25 -25.93 -0.93 23.68
N GLY D 26 -25.93 0.00 22.73
CA GLY D 26 -24.74 0.78 22.44
C GLY D 26 -23.88 0.36 21.26
N PHE D 27 -24.29 -0.68 20.54
CA PHE D 27 -23.52 -1.18 19.41
C PHE D 27 -24.38 -2.13 18.59
N SER D 28 -23.94 -2.48 17.39
CA SER D 28 -24.75 -3.40 16.59
C SER D 28 -24.21 -4.83 16.60
N LEU D 29 -25.14 -5.78 16.59
CA LEU D 29 -24.80 -7.19 16.47
C LEU D 29 -24.28 -7.54 15.07
N THR D 30 -24.64 -6.70 14.09
CA THR D 30 -24.36 -6.92 12.65
C THR D 30 -22.89 -6.72 12.25
N SER D 31 -22.13 -5.96 13.03
CA SER D 31 -20.72 -5.78 12.73
C SER D 31 -19.77 -6.23 13.84
N ASN D 32 -20.32 -6.61 15.00
CA ASN D 32 -19.49 -7.06 16.12
C ASN D 32 -19.84 -8.48 16.55
N SER D 33 -19.21 -8.96 17.63
CA SER D 33 -19.54 -10.28 18.14
C SER D 33 -19.81 -10.29 19.63
N VAL D 34 -20.65 -11.21 20.05
CA VAL D 34 -20.99 -11.37 21.45
C VAL D 34 -20.60 -12.79 21.85
N HIS D 35 -19.94 -12.90 23.01
CA HIS D 35 -19.43 -14.16 23.55
C HIS D 35 -19.93 -14.44 24.95
N TRP D 36 -20.00 -15.70 25.31
CA TRP D 36 -20.33 -16.06 26.67
C TRP D 36 -19.11 -16.62 27.36
N VAL D 37 -18.76 -16.04 28.50
CA VAL D 37 -17.72 -16.57 29.36
C VAL D 37 -18.43 -16.94 30.66
N ARG D 38 -18.06 -18.07 31.25
CA ARG D 38 -18.65 -18.52 32.52
C ARG D 38 -17.59 -18.72 33.61
N GLN D 39 -18.04 -18.82 34.85
CA GLN D 39 -17.14 -18.88 36.00
C GLN D 39 -17.77 -19.63 37.18
N PRO D 40 -17.43 -20.92 37.34
CA PRO D 40 -17.91 -21.68 38.50
C PRO D 40 -17.38 -21.12 39.82
N PRO D 41 -18.15 -21.24 40.91
CA PRO D 41 -17.79 -20.58 42.17
C PRO D 41 -16.42 -21.01 42.65
N GLY D 42 -15.58 -20.03 42.98
CA GLY D 42 -14.20 -20.28 43.39
C GLY D 42 -13.29 -20.65 42.24
N LYS D 43 -13.84 -20.78 41.04
CA LYS D 43 -13.04 -21.25 39.92
C LYS D 43 -12.75 -20.09 38.97
N GLY D 44 -11.87 -20.30 38.01
CA GLY D 44 -11.50 -19.25 37.05
C GLY D 44 -12.50 -19.03 35.93
N LEU D 45 -12.19 -18.05 35.08
CA LEU D 45 -12.99 -17.69 33.90
C LEU D 45 -12.79 -18.67 32.78
N GLU D 46 -13.82 -18.86 31.97
CA GLU D 46 -13.78 -19.82 30.88
C GLU D 46 -14.59 -19.33 29.69
N TRP D 47 -13.87 -19.04 28.59
CA TRP D 47 -14.50 -18.73 27.32
C TRP D 47 -15.28 -19.95 26.87
N MET D 48 -16.48 -19.72 26.35
CA MET D 48 -17.35 -20.80 25.89
C MET D 48 -17.45 -20.77 24.38
N GLY D 49 -17.95 -19.65 23.84
CA GLY D 49 -18.07 -19.47 22.41
C GLY D 49 -18.64 -18.10 22.11
N GLY D 50 -18.80 -17.79 20.83
CA GLY D 50 -19.40 -16.54 20.43
C GLY D 50 -20.05 -16.58 19.08
N ILE D 51 -20.80 -15.52 18.78
CA ILE D 51 -21.47 -15.34 17.49
C ILE D 51 -20.96 -14.06 16.83
N TRP D 52 -20.66 -14.12 15.53
CA TRP D 52 -20.07 -12.99 14.81
C TRP D 52 -21.09 -12.12 14.09
N GLY D 53 -20.60 -11.02 13.52
CA GLY D 53 -21.46 -10.05 12.86
C GLY D 53 -22.31 -10.68 11.78
N ASP D 54 -21.69 -11.59 11.03
CA ASP D 54 -22.35 -12.25 9.91
C ASP D 54 -23.02 -13.57 10.29
N GLY D 55 -23.06 -13.90 11.58
CA GLY D 55 -23.81 -15.06 12.04
C GLY D 55 -23.00 -16.30 12.34
N ASP D 56 -21.74 -16.31 11.89
CA ASP D 56 -20.82 -17.41 12.17
C ASP D 56 -20.66 -17.62 13.67
N THR D 57 -20.66 -18.88 14.08
CA THR D 57 -20.57 -19.21 15.49
C THR D 57 -19.22 -19.86 15.79
N ASP D 58 -18.77 -19.73 17.02
CA ASP D 58 -17.46 -20.25 17.38
C ASP D 58 -17.52 -20.77 18.80
N TYR D 59 -17.32 -22.07 18.95
CA TYR D 59 -17.40 -22.71 20.26
C TYR D 59 -16.05 -23.25 20.72
N ASN D 60 -15.91 -23.51 22.02
CA ASN D 60 -14.69 -24.16 22.47
C ASN D 60 -14.85 -25.68 22.63
N SER D 61 -13.88 -26.42 22.06
CA SER D 61 -13.86 -27.88 22.05
C SER D 61 -14.59 -28.52 23.19
N ALA D 62 -14.27 -28.07 24.40
CA ALA D 62 -14.80 -28.66 25.63
C ALA D 62 -16.33 -28.72 25.65
N LEU D 63 -16.98 -27.81 24.92
CA LEU D 63 -18.42 -27.67 25.00
C LEU D 63 -19.11 -27.69 23.65
N LYS D 64 -18.33 -27.76 22.58
CA LYS D 64 -18.83 -27.90 21.22
C LYS D 64 -20.14 -28.71 21.18
N SER D 65 -20.05 -29.99 21.55
CA SER D 65 -21.15 -30.95 21.45
C SER D 65 -22.48 -30.57 22.12
N ARG D 66 -22.44 -29.71 23.14
CA ARG D 66 -23.66 -29.39 23.89
C ARG D 66 -23.91 -27.89 24.09
N LEU D 67 -23.44 -27.09 23.14
CA LEU D 67 -23.57 -25.64 23.20
C LEU D 67 -24.11 -25.09 21.89
N SER D 68 -24.98 -24.09 22.00
CA SER D 68 -25.61 -23.51 20.83
C SER D 68 -25.89 -22.03 21.06
N ILE D 69 -25.26 -21.18 20.24
CA ILE D 69 -25.39 -19.72 20.36
C ILE D 69 -26.09 -19.18 19.12
N SER D 70 -27.12 -18.38 19.33
CA SER D 70 -27.76 -17.68 18.22
C SER D 70 -28.07 -16.23 18.58
N ARG D 71 -28.89 -15.59 17.75
CA ARG D 71 -29.22 -14.19 17.97
C ARG D 71 -30.51 -13.76 17.25
N ASP D 72 -31.11 -12.70 17.77
CA ASP D 72 -32.22 -12.02 17.12
C ASP D 72 -31.78 -10.56 16.98
N THR D 73 -31.26 -10.23 15.80
CA THR D 73 -30.66 -8.93 15.58
C THR D 73 -31.70 -7.83 15.67
N SER D 74 -32.96 -8.15 15.41
CA SER D 74 -34.04 -7.15 15.43
C SER D 74 -34.50 -6.76 16.85
N LYS D 75 -33.99 -7.48 17.86
CA LYS D 75 -34.29 -7.16 19.26
C LYS D 75 -33.02 -7.03 20.10
N ASN D 76 -31.87 -6.98 19.44
CA ASN D 76 -30.61 -6.79 20.16
C ASN D 76 -30.37 -7.88 21.20
N GLN D 77 -30.63 -9.13 20.80
CA GLN D 77 -30.51 -10.25 21.73
C GLN D 77 -29.60 -11.32 21.18
N VAL D 78 -28.75 -11.84 22.06
CA VAL D 78 -27.96 -13.03 21.80
C VAL D 78 -28.36 -14.12 22.79
N PHE D 79 -28.46 -15.35 22.29
CA PHE D 79 -28.95 -16.45 23.09
C PHE D 79 -27.88 -17.50 23.35
N LEU D 80 -28.04 -18.25 24.44
CA LEU D 80 -27.17 -19.36 24.77
C LEU D 80 -28.00 -20.54 25.20
N LYS D 81 -27.89 -21.65 24.47
CA LYS D 81 -28.52 -22.90 24.87
C LYS D 81 -27.45 -23.91 25.20
N MET D 82 -27.55 -24.54 26.37
CA MET D 82 -26.62 -25.59 26.76
C MET D 82 -27.41 -26.83 27.17
N ASN D 83 -26.93 -28.01 26.79
CA ASN D 83 -27.69 -29.25 26.98
C ASN D 83 -27.25 -30.07 28.17
N SER D 84 -28.16 -30.93 28.64
CA SER D 84 -27.91 -31.83 29.75
C SER D 84 -26.95 -31.25 30.80
N LEU D 85 -27.46 -30.26 31.51
CA LEU D 85 -26.75 -29.62 32.62
C LEU D 85 -26.44 -30.56 33.77
N GLN D 86 -25.32 -30.33 34.43
CA GLN D 86 -24.91 -31.08 35.62
C GLN D 86 -24.39 -30.15 36.70
N THR D 87 -24.04 -30.70 37.86
CA THR D 87 -23.43 -29.92 38.95
C THR D 87 -22.30 -29.02 38.47
N ASP D 88 -21.32 -29.62 37.79
CA ASP D 88 -20.15 -28.92 37.29
C ASP D 88 -20.46 -27.75 36.33
N ASP D 89 -21.74 -27.47 36.13
CA ASP D 89 -22.19 -26.43 35.22
C ASP D 89 -22.70 -25.19 35.94
N THR D 90 -22.88 -25.35 37.24
CA THR D 90 -23.28 -24.24 38.08
C THR D 90 -22.17 -23.21 38.06
N ALA D 91 -22.52 -22.01 37.61
CA ALA D 91 -21.56 -20.94 37.46
C ALA D 91 -22.29 -19.64 37.22
N ILE D 92 -21.51 -18.58 37.10
CA ILE D 92 -22.02 -17.32 36.67
C ILE D 92 -21.71 -17.20 35.18
N TYR D 93 -22.71 -16.80 34.40
CA TYR D 93 -22.54 -16.66 32.98
C TYR D 93 -22.52 -15.18 32.59
N PHE D 94 -21.46 -14.78 31.90
CA PHE D 94 -21.28 -13.40 31.46
C PHE D 94 -21.37 -13.37 29.95
N CYS D 95 -22.15 -12.44 29.39
CA CYS D 95 -21.94 -12.11 27.99
C CYS D 95 -20.98 -10.92 27.92
N THR D 96 -20.14 -10.93 26.89
CA THR D 96 -19.15 -9.90 26.68
C THR D 96 -18.82 -9.81 25.18
N PRO D 97 -18.86 -8.60 24.61
CA PRO D 97 -18.69 -8.46 23.18
C PRO D 97 -17.25 -8.14 22.74
N LEU D 98 -16.98 -8.34 21.45
CA LEU D 98 -15.83 -7.74 20.81
C LEU D 98 -16.38 -6.68 19.86
N ILE D 99 -16.15 -5.41 20.22
CA ILE D 99 -16.59 -4.30 19.39
C ILE D 99 -15.35 -3.57 18.85
N GLY D 100 -15.10 -3.74 17.55
CA GLY D 100 -14.03 -3.05 16.87
C GLY D 100 -12.65 -3.43 17.31
N SER D 101 -12.58 -4.39 18.23
CA SER D 101 -11.31 -4.77 18.88
C SER D 101 -11.29 -6.26 19.13
N TRP D 102 -10.14 -6.78 19.56
CA TRP D 102 -10.03 -8.21 19.81
C TRP D 102 -9.89 -8.53 21.31
N TYR D 103 -10.17 -7.53 22.14
CA TYR D 103 -10.16 -7.67 23.60
C TYR D 103 -11.55 -7.45 24.23
N PHE D 104 -11.75 -7.98 25.42
CA PHE D 104 -13.05 -7.91 26.07
C PHE D 104 -13.12 -6.73 27.06
N ASP D 105 -13.36 -5.53 26.52
CA ASP D 105 -13.33 -4.33 27.33
C ASP D 105 -14.65 -4.07 28.05
N PHE D 106 -15.75 -4.59 27.52
CA PHE D 106 -17.07 -4.45 28.15
C PHE D 106 -17.65 -5.82 28.54
N TRP D 107 -18.34 -5.87 29.67
CA TRP D 107 -18.80 -7.11 30.30
C TRP D 107 -20.18 -6.91 30.89
N GLY D 108 -21.07 -7.89 30.69
CA GLY D 108 -22.36 -7.88 31.41
C GLY D 108 -22.15 -8.12 32.91
N PRO D 109 -23.17 -7.82 33.73
CA PRO D 109 -22.99 -8.13 35.17
C PRO D 109 -22.85 -9.64 35.53
N GLY D 110 -23.49 -10.53 34.78
CA GLY D 110 -23.46 -11.96 35.05
C GLY D 110 -24.77 -12.42 35.66
N THR D 111 -25.17 -13.67 35.39
CA THR D 111 -26.27 -14.31 36.16
C THR D 111 -25.87 -15.70 36.58
N MET D 112 -26.16 -16.01 37.84
CA MET D 112 -25.95 -17.34 38.39
C MET D 112 -26.94 -18.30 37.78
N VAL D 113 -26.49 -19.49 37.43
CA VAL D 113 -27.41 -20.57 37.10
C VAL D 113 -26.98 -21.81 37.88
N THR D 114 -27.82 -22.22 38.83
CA THR D 114 -27.62 -23.43 39.61
C THR D 114 -28.25 -24.58 38.87
N ALA D 115 -27.51 -25.65 38.70
CA ALA D 115 -28.11 -26.88 38.23
C ALA D 115 -28.38 -27.72 39.45
N SER D 116 -29.66 -27.85 39.82
CA SER D 116 -30.06 -28.65 40.98
C SER D 116 -31.53 -29.03 40.92
N SER D 117 -31.86 -30.13 41.59
CA SER D 117 -33.20 -30.71 41.59
C SER D 117 -34.12 -30.02 42.62
N ALA D 118 -33.50 -29.45 43.65
CA ALA D 118 -34.20 -28.77 44.76
C ALA D 118 -35.17 -27.68 44.30
N GLN D 119 -36.21 -27.47 45.10
CA GLN D 119 -37.20 -26.42 44.87
C GLN D 119 -36.69 -25.06 45.36
N THR D 120 -37.16 -24.01 44.71
CA THR D 120 -36.93 -22.66 45.14
C THR D 120 -37.51 -22.53 46.55
N THR D 121 -36.81 -21.83 47.42
CA THR D 121 -37.34 -21.49 48.73
C THR D 121 -37.01 -20.05 49.08
N ALA D 122 -38.04 -19.29 49.41
CA ALA D 122 -37.93 -17.89 49.86
C ALA D 122 -37.07 -17.74 51.14
N PRO D 123 -36.37 -16.61 51.32
CA PRO D 123 -35.65 -16.46 52.57
C PRO D 123 -36.51 -15.91 53.70
N SER D 124 -36.15 -16.26 54.93
CA SER D 124 -36.63 -15.56 56.12
C SER D 124 -35.61 -14.50 56.48
N VAL D 125 -36.08 -13.28 56.78
CA VAL D 125 -35.18 -12.17 57.06
C VAL D 125 -35.39 -11.61 58.46
N TYR D 126 -34.32 -11.57 59.26
CA TYR D 126 -34.40 -11.19 60.66
C TYR D 126 -33.44 -10.06 61.03
N PRO D 127 -33.90 -9.05 61.80
CA PRO D 127 -32.96 -8.04 62.25
C PRO D 127 -32.03 -8.53 63.37
N LEU D 128 -30.81 -8.00 63.37
CA LEU D 128 -29.87 -8.28 64.45
C LEU D 128 -29.54 -6.97 65.14
N ALA D 129 -30.04 -6.84 66.37
CA ALA D 129 -29.76 -5.71 67.24
C ALA D 129 -29.16 -6.22 68.53
N PRO D 130 -28.20 -5.46 69.11
CA PRO D 130 -27.55 -5.64 70.39
C PRO D 130 -28.58 -6.09 71.36
N GLY D 131 -28.27 -7.11 72.11
CA GLY D 131 -29.46 -7.75 72.49
C GLY D 131 -29.58 -7.56 74.17
N CYS D 132 -29.07 -8.48 74.80
CA CYS D 132 -29.53 -8.29 76.10
C CYS D 132 -28.14 -7.93 76.76
N GLY D 133 -28.07 -6.67 77.27
CA GLY D 133 -27.06 -6.34 78.26
C GLY D 133 -26.50 -4.92 78.12
N SER D 137 -21.16 1.63 74.02
CA SER D 137 -20.33 2.10 72.90
C SER D 137 -21.14 2.90 71.89
N SER D 138 -20.62 4.09 71.54
CA SER D 138 -21.32 5.01 70.63
C SER D 138 -21.51 4.49 69.21
N THR D 139 -20.61 3.62 68.76
CA THR D 139 -20.80 2.99 67.47
C THR D 139 -21.27 1.57 67.67
N VAL D 140 -22.38 1.25 67.06
CA VAL D 140 -22.96 -0.06 67.20
C VAL D 140 -22.90 -0.79 65.85
N THR D 141 -22.59 -2.08 65.91
CA THR D 141 -22.73 -2.95 64.77
C THR D 141 -24.14 -3.49 64.82
N LEU D 142 -24.84 -3.38 63.70
CA LEU D 142 -26.16 -3.95 63.50
C LEU D 142 -26.03 -5.01 62.42
N GLY D 143 -27.09 -5.78 62.16
CA GLY D 143 -27.00 -6.80 61.13
C GLY D 143 -28.30 -7.38 60.63
N CYS D 144 -28.23 -8.01 59.45
CA CYS D 144 -29.34 -8.75 58.86
C CYS D 144 -29.03 -10.22 58.80
N LEU D 145 -29.97 -11.03 59.28
CA LEU D 145 -29.90 -12.46 59.04
C LEU D 145 -30.84 -12.81 57.90
N VAL D 146 -30.30 -13.39 56.84
CA VAL D 146 -31.11 -13.87 55.69
C VAL D 146 -31.04 -15.41 55.63
N LYS D 147 -32.11 -16.08 56.06
CA LYS D 147 -32.05 -17.51 56.39
C LYS D 147 -32.98 -18.41 55.56
N GLY D 148 -32.41 -19.51 55.05
CA GLY D 148 -33.18 -20.63 54.52
C GLY D 148 -33.68 -20.48 53.10
N TYR D 149 -32.83 -19.97 52.22
CA TYR D 149 -33.25 -19.71 50.85
C TYR D 149 -32.51 -20.60 49.85
N PHE D 150 -33.20 -20.92 48.75
CA PHE D 150 -32.55 -21.58 47.65
C PHE D 150 -33.13 -21.01 46.37
N PRO D 151 -32.30 -20.88 45.31
CA PRO D 151 -30.92 -20.70 44.81
C PRO D 151 -30.20 -19.50 45.36
N GLU D 152 -28.87 -19.54 45.20
CA GLU D 152 -28.10 -18.31 45.25
C GLU D 152 -28.80 -17.19 44.41
N PRO D 153 -28.06 -16.09 44.14
CA PRO D 153 -28.28 -14.74 44.48
C PRO D 153 -29.30 -14.43 45.54
N VAL D 154 -28.82 -13.76 46.58
CA VAL D 154 -29.68 -12.90 47.35
C VAL D 154 -28.98 -11.54 47.35
N THR D 155 -29.79 -10.49 47.29
CA THR D 155 -29.36 -9.12 47.30
C THR D 155 -29.56 -8.53 48.68
N VAL D 156 -28.60 -7.76 49.19
CA VAL D 156 -28.85 -7.02 50.42
C VAL D 156 -28.20 -5.65 50.42
N THR D 157 -29.02 -4.63 50.65
CA THR D 157 -28.53 -3.24 50.79
C THR D 157 -28.95 -2.69 52.15
N TRP D 158 -28.47 -1.50 52.46
CA TRP D 158 -28.82 -0.85 53.72
C TRP D 158 -29.32 0.56 53.45
N ASN D 159 -30.46 0.91 54.07
CA ASN D 159 -31.13 2.16 53.76
C ASN D 159 -31.16 2.43 52.26
N SER D 160 -31.70 1.47 51.51
CA SER D 160 -31.77 1.55 50.04
C SER D 160 -30.48 2.02 49.33
N GLY D 161 -29.33 1.66 49.88
CA GLY D 161 -28.04 1.98 49.25
C GLY D 161 -27.30 3.07 49.97
N ALA D 162 -28.02 3.99 50.59
CA ALA D 162 -27.43 5.13 51.29
C ALA D 162 -26.41 4.69 52.38
N LEU D 163 -26.73 3.62 53.10
CA LEU D 163 -25.69 2.94 53.87
C LEU D 163 -25.02 1.90 52.97
N SER D 164 -23.77 2.20 52.61
CA SER D 164 -22.92 1.27 51.86
C SER D 164 -21.55 1.37 52.48
N SER D 165 -21.27 2.52 53.09
CA SER D 165 -20.03 2.82 53.82
C SER D 165 -19.47 1.61 54.56
N ASP D 166 -19.98 1.30 55.74
CA ASP D 166 -19.30 0.33 56.57
C ASP D 166 -19.89 -1.10 56.48
N VAL D 167 -20.52 -1.43 55.35
CA VAL D 167 -21.28 -2.68 55.18
C VAL D 167 -20.42 -3.91 54.93
N HIS D 168 -20.66 -4.99 55.66
CA HIS D 168 -20.01 -6.25 55.34
C HIS D 168 -21.07 -7.29 55.10
N THR D 169 -21.13 -7.80 53.88
CA THR D 169 -22.09 -8.84 53.59
C THR D 169 -21.40 -10.16 53.25
N PHE D 170 -21.70 -11.21 54.02
CA PHE D 170 -20.86 -12.41 54.03
C PHE D 170 -21.28 -13.49 53.08
N PRO D 171 -20.31 -14.19 52.47
CA PRO D 171 -20.56 -15.38 51.68
C PRO D 171 -21.64 -16.25 52.30
N ALA D 172 -22.62 -16.65 51.51
CA ALA D 172 -23.67 -17.56 52.00
C ALA D 172 -23.10 -18.94 52.20
N VAL D 173 -23.65 -19.64 53.17
CA VAL D 173 -23.20 -20.98 53.47
C VAL D 173 -24.36 -21.97 53.27
N LEU D 174 -24.06 -23.07 52.57
CA LEU D 174 -25.04 -24.09 52.20
C LEU D 174 -25.17 -25.06 53.34
N GLN D 175 -26.39 -25.53 53.56
CA GLN D 175 -26.70 -26.47 54.64
C GLN D 175 -28.03 -27.19 54.39
N SER D 176 -27.99 -28.51 54.18
CA SER D 176 -29.19 -29.27 53.86
C SER D 176 -29.98 -28.60 52.72
N GLY D 177 -29.29 -28.31 51.62
CA GLY D 177 -29.92 -27.73 50.45
C GLY D 177 -30.55 -26.38 50.72
N LEU D 178 -30.09 -25.70 51.76
CA LEU D 178 -30.57 -24.34 52.04
C LEU D 178 -29.48 -23.37 52.46
N TYR D 179 -29.58 -22.14 51.96
CA TYR D 179 -28.56 -21.10 52.19
C TYR D 179 -28.94 -20.09 53.29
N THR D 180 -27.94 -19.73 54.07
CA THR D 180 -28.05 -18.66 55.05
C THR D 180 -26.91 -17.68 54.80
N LEU D 181 -27.24 -16.41 54.86
CA LEU D 181 -26.28 -15.34 54.66
C LEU D 181 -26.48 -14.33 55.78
N THR D 182 -25.46 -13.54 56.09
CA THR D 182 -25.64 -12.38 56.97
C THR D 182 -24.99 -11.13 56.42
N SER D 183 -25.44 -9.97 56.91
CA SER D 183 -24.75 -8.71 56.59
C SER D 183 -24.65 -7.84 57.81
N SER D 184 -23.54 -7.11 57.93
CA SER D 184 -23.36 -6.17 59.03
C SER D 184 -23.12 -4.71 58.58
N VAL D 185 -23.47 -3.76 59.45
CA VAL D 185 -23.24 -2.35 59.24
C VAL D 185 -23.00 -1.76 60.58
N THR D 186 -22.35 -0.60 60.62
CA THR D 186 -22.10 0.10 61.85
C THR D 186 -22.68 1.51 61.78
N SER D 187 -23.07 2.06 62.93
CA SER D 187 -23.67 3.40 63.00
C SER D 187 -23.45 4.10 64.35
N SER D 188 -23.27 5.43 64.29
CA SER D 188 -23.17 6.25 65.50
C SER D 188 -24.55 6.75 65.88
N THR D 189 -25.35 6.98 64.86
CA THR D 189 -26.59 7.70 65.00
C THR D 189 -27.83 6.83 65.32
N TRP D 190 -27.69 5.50 65.30
CA TRP D 190 -28.83 4.61 65.57
C TRP D 190 -29.17 4.65 67.07
N PRO D 191 -30.39 4.25 67.53
CA PRO D 191 -31.83 4.19 67.21
C PRO D 191 -32.29 5.40 66.43
N SER D 192 -31.93 6.60 66.91
CA SER D 192 -32.50 7.87 66.43
C SER D 192 -32.51 8.09 64.92
N GLN D 193 -31.46 7.63 64.24
CA GLN D 193 -31.49 7.58 62.78
C GLN D 193 -31.62 6.14 62.35
N THR D 194 -32.77 5.85 61.76
CA THR D 194 -33.16 4.55 61.20
C THR D 194 -32.03 3.80 60.47
N VAL D 195 -31.89 2.50 60.74
CA VAL D 195 -31.17 1.65 59.76
C VAL D 195 -31.94 0.38 59.43
N THR D 196 -32.06 0.15 58.14
CA THR D 196 -32.99 -0.81 57.58
C THR D 196 -32.24 -1.58 56.52
N CYS D 197 -32.29 -2.91 56.58
CA CYS D 197 -31.73 -3.67 55.46
C CYS D 197 -32.83 -4.04 54.48
N ASN D 198 -32.46 -4.08 53.23
CA ASN D 198 -33.38 -4.33 52.15
C ASN D 198 -32.85 -5.55 51.46
N VAL D 199 -33.65 -6.60 51.42
CA VAL D 199 -33.21 -7.83 50.79
C VAL D 199 -34.17 -8.35 49.73
N ALA D 200 -33.58 -8.84 48.64
CA ALA D 200 -34.27 -9.36 47.49
C ALA D 200 -33.72 -10.73 47.13
N HIS D 201 -34.64 -11.62 46.77
CA HIS D 201 -34.30 -12.93 46.30
C HIS D 201 -35.24 -13.15 45.11
N PRO D 202 -34.84 -12.69 43.91
CA PRO D 202 -35.67 -12.81 42.72
C PRO D 202 -36.04 -14.25 42.32
N ALA D 203 -35.23 -15.23 42.72
CA ALA D 203 -35.54 -16.60 42.35
C ALA D 203 -36.91 -16.97 42.92
N SER D 204 -37.22 -16.44 44.09
CA SER D 204 -38.53 -16.68 44.71
C SER D 204 -39.41 -15.44 44.75
N SER D 205 -39.06 -14.41 43.98
CA SER D 205 -39.88 -13.21 43.95
C SER D 205 -40.04 -12.61 45.36
N THR D 206 -38.98 -12.61 46.15
CA THR D 206 -39.05 -12.05 47.50
C THR D 206 -38.37 -10.70 47.55
N LYS D 207 -39.09 -9.71 48.04
CA LYS D 207 -38.55 -8.39 48.27
C LYS D 207 -39.02 -7.95 49.66
N VAL D 208 -38.08 -7.71 50.58
CA VAL D 208 -38.42 -7.39 51.97
C VAL D 208 -37.42 -6.43 52.59
N ASP D 209 -37.93 -5.35 53.19
CA ASP D 209 -37.15 -4.47 54.04
C ASP D 209 -37.38 -4.86 55.50
N GLN D 210 -36.32 -4.90 56.30
CA GLN D 210 -36.49 -5.08 57.75
C GLN D 210 -35.72 -4.01 58.51
N LYS D 211 -36.45 -3.32 59.40
CA LYS D 211 -35.87 -2.31 60.27
C LYS D 211 -35.31 -2.99 61.53
N ILE D 212 -34.18 -2.49 62.01
CA ILE D 212 -33.46 -3.07 63.15
C ILE D 212 -33.81 -2.30 64.46
N VAL D 213 -34.87 -2.70 65.19
CA VAL D 213 -35.29 -1.90 66.35
C VAL D 213 -34.59 -2.47 67.60
N PRO D 214 -34.26 -1.54 68.55
CA PRO D 214 -33.76 -1.96 69.87
C PRO D 214 -34.61 -2.96 70.57
N ARG D 215 -34.02 -3.52 71.77
CA ARG D 215 -34.73 -4.56 72.44
C ARG D 215 -35.24 -3.88 73.70
N ALA E 4 7.79 0.02 17.42
CA ALA E 4 7.31 -0.27 16.03
C ALA E 4 5.78 -0.47 16.03
N PRO E 5 5.04 0.36 15.25
CA PRO E 5 3.57 0.31 15.25
C PRO E 5 2.98 -0.93 14.58
N GLU E 6 1.84 -1.35 15.10
CA GLU E 6 1.03 -2.39 14.47
C GLU E 6 -0.42 -1.91 14.40
N LEU E 7 -1.11 -2.24 13.30
CA LEU E 7 -2.51 -1.92 13.10
C LEU E 7 -3.36 -3.17 13.19
N ARG E 8 -4.46 -3.09 13.95
CA ARG E 8 -5.38 -4.21 14.01
C ARG E 8 -6.73 -3.90 13.37
N ILE E 9 -7.04 -4.58 12.28
CA ILE E 9 -8.37 -4.50 11.68
C ILE E 9 -9.30 -5.44 12.40
N PHE E 10 -10.55 -5.02 12.48
CA PHE E 10 -11.64 -5.82 12.96
C PHE E 10 -12.79 -5.56 11.98
N PRO E 11 -13.49 -6.62 11.56
CA PRO E 11 -13.28 -8.00 11.99
C PRO E 11 -12.25 -8.68 11.13
N LYS E 12 -12.20 -10.00 11.22
CA LYS E 12 -11.28 -10.77 10.40
C LYS E 12 -11.81 -10.95 8.97
N LYS E 13 -13.14 -11.06 8.84
CA LYS E 13 -13.82 -11.28 7.56
C LYS E 13 -15.25 -10.80 7.69
N MET E 14 -15.90 -10.55 6.55
CA MET E 14 -17.32 -10.18 6.56
C MET E 14 -18.08 -10.81 5.39
N ASP E 15 -18.94 -11.78 5.67
CA ASP E 15 -19.86 -12.34 4.68
C ASP E 15 -21.15 -11.52 4.68
N ALA E 16 -21.20 -10.51 3.81
CA ALA E 16 -22.22 -9.45 3.90
C ALA E 16 -23.51 -9.67 3.13
N GLU E 17 -24.65 -9.46 3.78
CA GLU E 17 -25.95 -9.49 3.12
C GLU E 17 -26.10 -8.22 2.30
N LEU E 18 -26.88 -8.29 1.22
CA LEU E 18 -27.04 -7.11 0.36
C LEU E 18 -27.90 -6.05 1.07
N GLY E 19 -27.37 -4.84 1.14
CA GLY E 19 -28.08 -3.72 1.77
C GLY E 19 -27.61 -3.44 3.19
N GLN E 20 -26.84 -4.39 3.71
CA GLN E 20 -26.31 -4.36 5.05
C GLN E 20 -25.31 -3.22 5.26
N LYS E 21 -25.24 -2.72 6.48
CA LYS E 21 -24.26 -1.70 6.87
C LYS E 21 -23.06 -2.35 7.55
N VAL E 22 -21.88 -2.23 6.98
CA VAL E 22 -20.71 -2.85 7.59
C VAL E 22 -19.75 -1.82 8.13
N ASP E 23 -19.47 -1.89 9.42
CA ASP E 23 -18.40 -1.12 10.02
C ASP E 23 -17.14 -1.96 9.96
N LEU E 24 -16.05 -1.33 9.57
CA LEU E 24 -14.73 -1.92 9.66
C LEU E 24 -13.92 -0.95 10.50
N VAL E 25 -13.12 -1.48 11.41
CA VAL E 25 -12.42 -0.63 12.36
C VAL E 25 -10.98 -1.10 12.52
N CYS E 26 -10.09 -0.13 12.65
CA CYS E 26 -8.67 -0.39 12.65
C CYS E 26 -8.04 0.43 13.76
N GLU E 27 -7.57 -0.26 14.79
CA GLU E 27 -6.89 0.39 15.90
C GLU E 27 -5.42 0.56 15.57
N VAL E 28 -4.92 1.79 15.71
CA VAL E 28 -3.52 2.09 15.40
C VAL E 28 -2.69 2.16 16.68
N LEU E 29 -1.81 1.19 16.85
CA LEU E 29 -1.06 1.08 18.09
C LEU E 29 0.34 1.62 17.95
N GLY E 30 1.05 1.61 19.06
CA GLY E 30 2.37 2.21 19.11
C GLY E 30 2.10 3.59 19.63
N SER E 31 2.25 4.58 18.74
CA SER E 31 2.10 5.97 19.15
C SER E 31 2.65 6.91 18.09
N VAL E 32 2.84 6.41 16.86
CA VAL E 32 3.85 7.09 16.04
C VAL E 32 3.39 8.19 15.09
N SER E 33 2.39 7.92 14.24
CA SER E 33 2.16 8.84 13.11
C SER E 33 0.99 9.83 13.19
N GLN E 34 0.73 10.44 12.02
CA GLN E 34 -0.46 11.26 11.77
C GLN E 34 -1.70 10.37 11.63
N GLY E 35 -2.59 10.72 10.70
CA GLY E 35 -3.81 9.96 10.49
C GLY E 35 -3.70 8.52 9.99
N CYS E 36 -4.81 7.98 9.51
CA CYS E 36 -4.84 6.63 8.98
C CYS E 36 -5.57 6.61 7.66
N SER E 37 -5.01 5.87 6.71
CA SER E 37 -5.55 5.79 5.35
C SER E 37 -6.24 4.45 5.18
N TRP E 38 -7.44 4.47 4.62
CA TRP E 38 -8.16 3.24 4.30
C TRP E 38 -8.01 2.97 2.83
N LEU E 39 -7.84 1.69 2.52
CA LEU E 39 -7.56 1.24 1.18
C LEU E 39 -8.48 0.09 0.84
N PHE E 40 -8.72 -0.09 -0.45
CA PHE E 40 -9.69 -1.06 -0.91
C PHE E 40 -9.19 -1.75 -2.17
N GLN E 41 -9.42 -3.07 -2.27
CA GLN E 41 -9.20 -3.77 -3.53
C GLN E 41 -10.47 -4.36 -4.13
N ASN E 42 -11.03 -3.65 -5.10
CA ASN E 42 -12.24 -4.03 -5.83
C ASN E 42 -12.14 -5.49 -6.27
N SER E 43 -13.19 -6.27 -6.01
CA SER E 43 -13.32 -7.63 -6.57
C SER E 43 -13.42 -7.61 -8.10
N SER E 44 -13.66 -6.42 -8.66
CA SER E 44 -13.71 -6.18 -10.11
C SER E 44 -12.34 -6.30 -10.82
N SER E 45 -11.27 -6.37 -10.04
CA SER E 45 -9.92 -6.42 -10.61
C SER E 45 -9.18 -7.72 -10.28
N LYS E 46 -8.97 -8.53 -11.31
CA LYS E 46 -8.27 -9.82 -11.20
C LYS E 46 -6.75 -9.72 -10.91
N LEU E 47 -6.19 -8.52 -11.11
CA LEU E 47 -4.83 -8.24 -10.64
C LEU E 47 -4.88 -7.31 -9.42
N PRO E 48 -4.22 -7.71 -8.31
CA PRO E 48 -4.35 -7.05 -7.01
C PRO E 48 -4.04 -5.55 -7.03
N GLN E 49 -5.00 -4.76 -7.50
CA GLN E 49 -4.86 -3.30 -7.63
C GLN E 49 -5.51 -2.54 -6.44
N PRO E 50 -4.68 -2.13 -5.46
CA PRO E 50 -5.23 -1.33 -4.36
C PRO E 50 -5.69 0.04 -4.82
N THR E 51 -6.94 0.38 -4.48
CA THR E 51 -7.45 1.73 -4.68
C THR E 51 -7.54 2.42 -3.33
N PHE E 52 -7.25 3.71 -3.31
CA PHE E 52 -7.37 4.56 -2.12
C PHE E 52 -8.83 4.93 -1.84
N VAL E 53 -9.21 5.06 -0.57
CA VAL E 53 -10.58 5.43 -0.21
C VAL E 53 -10.64 6.73 0.60
N VAL E 54 -9.95 6.77 1.73
CA VAL E 54 -10.08 7.90 2.65
C VAL E 54 -8.89 8.02 3.63
N TYR E 55 -8.61 9.25 4.04
CA TYR E 55 -7.60 9.51 5.07
C TYR E 55 -8.24 10.32 6.19
N MET E 56 -8.11 9.83 7.41
CA MET E 56 -8.54 10.59 8.57
C MET E 56 -7.30 11.06 9.31
N ALA E 57 -7.28 12.35 9.62
CA ALA E 57 -6.22 12.93 10.42
C ALA E 57 -6.34 12.38 11.84
N SER E 58 -5.21 12.22 12.50
CA SER E 58 -5.22 11.81 13.90
C SER E 58 -5.71 12.98 14.72
N SER E 59 -5.14 14.16 14.43
CA SER E 59 -5.32 15.37 15.21
C SER E 59 -6.79 15.78 15.35
N HIS E 60 -7.31 16.50 14.36
CA HIS E 60 -8.68 16.99 14.43
C HIS E 60 -9.48 16.15 13.47
N ASN E 61 -10.80 16.13 13.68
CA ASN E 61 -11.68 15.45 12.73
C ASN E 61 -11.66 16.17 11.37
N LYS E 62 -11.01 15.51 10.40
CA LYS E 62 -10.69 16.09 9.13
C LYS E 62 -10.34 14.97 8.16
N ILE E 63 -11.33 14.54 7.37
CA ILE E 63 -11.15 13.45 6.40
C ILE E 63 -10.75 14.00 5.02
N THR E 64 -10.21 13.14 4.17
CA THR E 64 -10.01 13.47 2.76
C THR E 64 -10.46 12.26 1.96
N TRP E 65 -11.47 12.47 1.12
CA TRP E 65 -12.08 11.46 0.26
C TRP E 65 -11.65 11.71 -1.17
N ASP E 66 -11.18 10.68 -1.86
CA ASP E 66 -10.87 10.83 -3.28
C ASP E 66 -12.19 11.04 -4.07
N GLU E 67 -12.18 11.88 -5.11
CA GLU E 67 -13.44 12.16 -5.79
C GLU E 67 -14.05 10.91 -6.44
N LYS E 68 -13.22 10.14 -7.13
CA LYS E 68 -13.63 8.85 -7.74
C LYS E 68 -14.70 8.15 -6.90
N LYS E 73 -21.91 8.24 -2.24
CA LYS E 73 -22.69 7.97 -1.03
C LYS E 73 -22.27 6.73 -0.25
N LEU E 74 -21.70 5.76 -0.97
CA LEU E 74 -21.20 4.47 -0.47
C LEU E 74 -20.60 4.35 0.94
N PHE E 75 -19.55 5.14 1.19
CA PHE E 75 -18.83 5.05 2.44
C PHE E 75 -19.11 6.18 3.41
N SER E 76 -18.70 5.95 4.65
CA SER E 76 -18.75 6.94 5.70
C SER E 76 -17.66 6.56 6.69
N ALA E 77 -17.10 7.55 7.38
CA ALA E 77 -15.92 7.30 8.18
C ALA E 77 -15.81 8.26 9.35
N MET E 78 -15.39 7.75 10.51
CA MET E 78 -15.15 8.61 11.67
C MET E 78 -14.06 8.06 12.58
N ARG E 79 -13.46 8.94 13.37
CA ARG E 79 -12.53 8.49 14.38
C ARG E 79 -13.29 8.40 15.69
N ASP E 80 -13.75 7.19 15.98
CA ASP E 80 -14.23 6.81 17.31
C ASP E 80 -13.09 7.26 18.24
N THR E 81 -13.25 7.19 19.58
CA THR E 81 -12.25 7.82 20.50
C THR E 81 -10.81 7.36 20.16
N ASN E 82 -9.98 6.97 21.15
CA ASN E 82 -8.76 6.19 20.87
C ASN E 82 -7.93 6.36 19.62
N ASN E 83 -7.57 5.28 18.95
CA ASN E 83 -6.83 5.29 17.71
C ASN E 83 -7.65 4.29 16.93
N LYS E 84 -8.96 4.39 17.13
CA LYS E 84 -9.90 3.51 16.46
C LYS E 84 -10.53 4.29 15.32
N TYR E 85 -10.15 3.89 14.11
CA TYR E 85 -10.63 4.48 12.88
C TYR E 85 -11.67 3.56 12.30
N VAL E 86 -12.91 4.05 12.24
CA VAL E 86 -14.01 3.27 11.69
C VAL E 86 -14.22 3.64 10.26
N LEU E 87 -14.26 2.63 9.40
CA LEU E 87 -14.76 2.77 8.02
C LEU E 87 -16.08 2.02 7.94
N THR E 88 -17.12 2.70 7.50
CA THR E 88 -18.41 2.05 7.42
C THR E 88 -18.78 2.06 5.96
N LEU E 89 -19.23 0.91 5.46
CA LEU E 89 -19.86 0.82 4.16
C LEU E 89 -21.35 0.94 4.47
N ASN E 90 -22.04 1.89 3.84
CA ASN E 90 -23.41 2.22 4.27
C ASN E 90 -24.48 1.23 3.80
N LYS E 91 -24.41 0.85 2.53
CA LYS E 91 -25.25 -0.20 1.98
C LYS E 91 -24.36 -1.13 1.19
N PHE E 92 -24.37 -2.42 1.54
CA PHE E 92 -23.49 -3.36 0.86
C PHE E 92 -24.01 -3.66 -0.52
N SER E 93 -23.07 -3.70 -1.47
CA SER E 93 -23.38 -4.04 -2.84
C SER E 93 -22.14 -4.60 -3.54
N LYS E 94 -22.34 -5.05 -4.78
CA LYS E 94 -21.27 -5.45 -5.69
C LYS E 94 -20.18 -4.40 -5.83
N GLU E 95 -20.55 -3.13 -5.63
CA GLU E 95 -19.64 -2.00 -5.83
C GLU E 95 -18.50 -1.97 -4.85
N ASN E 96 -18.82 -2.13 -3.56
CA ASN E 96 -17.82 -2.14 -2.48
C ASN E 96 -17.37 -3.53 -2.06
N GLU E 97 -17.75 -4.53 -2.85
CA GLU E 97 -17.42 -5.90 -2.55
C GLU E 97 -15.96 -6.13 -2.91
N GLY E 98 -15.17 -6.54 -1.92
CA GLY E 98 -13.74 -6.73 -2.10
C GLY E 98 -12.98 -6.79 -0.79
N TYR E 99 -11.72 -6.36 -0.83
CA TYR E 99 -10.80 -6.48 0.31
C TYR E 99 -10.41 -5.12 0.90
N TYR E 100 -10.55 -4.95 2.22
CA TYR E 100 -10.21 -3.69 2.88
C TYR E 100 -9.02 -3.77 3.80
N PHE E 101 -8.32 -2.67 3.96
CA PHE E 101 -7.21 -2.55 4.90
C PHE E 101 -6.78 -1.11 5.12
N CYS E 102 -6.32 -0.84 6.34
CA CYS E 102 -5.84 0.48 6.71
C CYS E 102 -4.34 0.53 6.53
N SER E 103 -3.80 1.73 6.40
CA SER E 103 -2.37 1.92 6.33
C SER E 103 -1.95 3.21 7.02
N VAL E 104 -0.68 3.23 7.44
CA VAL E 104 -0.14 4.32 8.24
C VAL E 104 1.33 4.55 7.89
N ILE E 105 1.85 5.74 8.20
CA ILE E 105 3.17 6.19 7.75
C ILE E 105 4.04 6.81 8.85
N SER E 106 4.96 6.02 9.40
CA SER E 106 5.86 6.52 10.43
C SER E 106 7.26 6.59 9.89
N ASN E 107 7.93 7.72 10.11
CA ASN E 107 9.32 7.86 9.70
C ASN E 107 9.48 7.48 8.23
N SER E 108 8.54 7.94 7.41
CA SER E 108 8.46 7.61 5.99
C SER E 108 8.45 6.08 5.70
N VAL E 109 7.88 5.30 6.62
CA VAL E 109 7.70 3.84 6.44
C VAL E 109 6.21 3.46 6.47
N MET E 110 5.76 2.70 5.46
CA MET E 110 4.36 2.32 5.34
C MET E 110 4.06 1.09 6.18
N TYR E 111 2.91 1.12 6.86
CA TYR E 111 2.39 -0.02 7.61
C TYR E 111 0.99 -0.41 7.19
N PHE E 112 0.75 -1.70 7.11
CA PHE E 112 -0.54 -2.21 6.66
C PHE E 112 -1.15 -3.13 7.69
N SER E 113 -2.47 -3.04 7.81
CA SER E 113 -3.22 -3.99 8.59
C SER E 113 -3.32 -5.28 7.80
N SER E 114 -3.98 -6.28 8.36
CA SER E 114 -4.37 -7.41 7.55
C SER E 114 -5.48 -6.97 6.62
N VAL E 115 -5.90 -7.90 5.78
CA VAL E 115 -6.89 -7.60 4.77
C VAL E 115 -8.20 -8.24 5.16
N VAL E 116 -9.29 -7.49 5.04
CA VAL E 116 -10.59 -8.02 5.39
C VAL E 116 -11.47 -8.19 4.16
N PRO E 117 -11.71 -9.44 3.78
CA PRO E 117 -12.57 -9.82 2.69
C PRO E 117 -14.00 -9.50 3.06
N VAL E 118 -14.59 -8.54 2.37
CA VAL E 118 -16.00 -8.21 2.57
C VAL E 118 -16.72 -8.71 1.33
N LEU E 119 -17.34 -9.88 1.44
CA LEU E 119 -17.82 -10.60 0.28
C LEU E 119 -19.24 -11.10 0.49
N GLN E 120 -20.10 -10.95 -0.52
CA GLN E 120 -21.53 -11.26 -0.41
C GLN E 120 -21.83 -12.64 0.23
N LYS E 121 -22.79 -12.66 1.17
CA LYS E 121 -23.17 -13.84 1.98
C LYS E 121 -23.19 -15.12 1.14
N VAL E 122 -22.44 -16.16 1.47
CA VAL E 122 -22.49 -17.48 0.76
C VAL E 122 -23.86 -18.00 0.19
N ASN E 123 -24.96 -17.31 0.53
CA ASN E 123 -26.32 -17.69 0.07
C ASN E 123 -26.93 -18.78 0.96
N ALA F 4 -2.64 16.41 -10.80
CA ALA F 4 -2.80 15.02 -10.25
C ALA F 4 -1.71 14.07 -10.77
N PRO F 5 -0.86 13.55 -9.85
CA PRO F 5 0.30 12.67 -10.13
C PRO F 5 -0.07 11.29 -10.66
N GLU F 6 0.67 10.81 -11.67
CA GLU F 6 0.57 9.40 -12.07
C GLU F 6 1.93 8.73 -12.03
N LEU F 7 1.96 7.47 -11.58
CA LEU F 7 3.21 6.69 -11.55
C LEU F 7 3.23 5.64 -12.68
N ARG F 8 4.36 5.54 -13.37
CA ARG F 8 4.53 4.51 -14.39
C ARG F 8 5.57 3.47 -14.00
N ILE F 9 5.11 2.24 -13.78
CA ILE F 9 5.99 1.11 -13.57
C ILE F 9 6.43 0.53 -14.89
N PHE F 10 7.66 0.06 -14.90
CA PHE F 10 8.24 -0.65 -16.02
C PHE F 10 9.03 -1.82 -15.43
N PRO F 11 8.94 -3.00 -16.07
CA PRO F 11 8.10 -3.25 -17.24
C PRO F 11 6.68 -3.52 -16.83
N LYS F 12 5.91 -4.08 -17.76
CA LYS F 12 4.54 -4.45 -17.53
C LYS F 12 4.43 -5.81 -16.83
N LYS F 13 5.38 -6.71 -17.13
CA LYS F 13 5.44 -8.04 -16.50
C LYS F 13 6.88 -8.54 -16.57
N MET F 14 7.19 -9.56 -15.78
CA MET F 14 8.49 -10.20 -15.88
C MET F 14 8.43 -11.69 -15.57
N ASP F 15 8.61 -12.49 -16.60
CA ASP F 15 8.72 -13.95 -16.47
C ASP F 15 10.19 -14.31 -16.20
N ALA F 16 10.52 -14.44 -14.91
CA ALA F 16 11.90 -14.43 -14.47
C ALA F 16 12.56 -15.80 -14.34
N GLU F 17 13.77 -15.93 -14.90
CA GLU F 17 14.62 -17.11 -14.73
C GLU F 17 15.15 -17.15 -13.29
N LEU F 18 15.41 -18.34 -12.79
CA LEU F 18 16.00 -18.51 -11.45
C LEU F 18 17.45 -17.99 -11.39
N GLY F 19 17.69 -17.05 -10.48
CA GLY F 19 19.02 -16.48 -10.28
C GLY F 19 19.21 -15.14 -10.97
N GLN F 20 18.27 -14.82 -11.87
CA GLN F 20 18.31 -13.59 -12.67
C GLN F 20 18.15 -12.33 -11.83
N LYS F 21 18.72 -11.21 -12.29
CA LYS F 21 18.55 -9.92 -11.64
C LYS F 21 17.48 -9.12 -12.37
N VAL F 22 16.45 -8.71 -11.63
CA VAL F 22 15.36 -7.95 -12.22
C VAL F 22 15.36 -6.54 -11.67
N ASP F 23 15.45 -5.57 -12.57
CA ASP F 23 15.23 -4.17 -12.22
C ASP F 23 13.76 -3.90 -12.49
N LEU F 24 13.10 -3.26 -11.53
CA LEU F 24 11.79 -2.66 -11.76
C LEU F 24 11.94 -1.18 -11.51
N VAL F 25 11.31 -0.38 -12.37
CA VAL F 25 11.46 1.06 -12.28
C VAL F 25 10.11 1.77 -12.35
N CYS F 26 10.01 2.85 -11.61
CA CYS F 26 8.77 3.52 -11.45
C CYS F 26 9.03 5.01 -11.54
N GLU F 27 8.50 5.63 -12.60
CA GLU F 27 8.66 7.06 -12.85
C GLU F 27 7.53 7.82 -12.22
N VAL F 28 7.86 8.80 -11.39
CA VAL F 28 6.85 9.55 -10.65
C VAL F 28 6.63 10.90 -11.30
N LEU F 29 5.47 11.05 -11.92
CA LEU F 29 5.18 12.27 -12.66
C LEU F 29 4.33 13.26 -11.90
N GLY F 30 4.04 14.38 -12.56
CA GLY F 30 3.39 15.49 -11.91
C GLY F 30 4.54 16.33 -11.40
N SER F 31 4.69 16.34 -10.07
CA SER F 31 5.84 16.94 -9.39
C SER F 31 5.51 17.11 -7.93
N VAL F 32 4.62 16.25 -7.40
CA VAL F 32 3.95 16.57 -6.16
C VAL F 32 4.70 16.30 -4.84
N SER F 33 5.12 15.05 -4.62
CA SER F 33 5.43 14.63 -3.24
C SER F 33 6.90 14.48 -2.88
N GLN F 34 7.13 13.84 -1.73
CA GLN F 34 8.44 13.42 -1.27
C GLN F 34 8.84 12.16 -2.03
N GLY F 35 9.49 11.22 -1.35
CA GLY F 35 10.00 10.02 -2.00
C GLY F 35 8.96 9.06 -2.56
N CYS F 36 9.39 7.83 -2.77
CA CYS F 36 8.53 6.80 -3.36
C CYS F 36 8.69 5.50 -2.59
N SER F 37 7.56 4.86 -2.32
CA SER F 37 7.51 3.63 -1.55
C SER F 37 7.31 2.45 -2.48
N TRP F 38 8.13 1.42 -2.33
CA TRP F 38 8.01 0.20 -3.11
C TRP F 38 7.27 -0.84 -2.28
N LEU F 39 6.31 -1.52 -2.92
CA LEU F 39 5.45 -2.45 -2.20
C LEU F 39 5.42 -3.80 -2.91
N PHE F 40 5.16 -4.88 -2.15
CA PHE F 40 5.24 -6.24 -2.70
C PHE F 40 4.12 -7.10 -2.19
N GLN F 41 3.59 -7.96 -3.07
CA GLN F 41 2.64 -8.99 -2.63
C GLN F 41 3.19 -10.40 -2.90
N ASN F 42 3.71 -11.02 -1.84
CA ASN F 42 4.23 -12.38 -1.87
C ASN F 42 3.20 -13.32 -2.49
N SER F 43 3.66 -14.15 -3.44
CA SER F 43 2.81 -15.22 -4.00
C SER F 43 2.50 -16.30 -2.95
N SER F 44 3.19 -16.21 -1.81
CA SER F 44 2.94 -17.07 -0.65
C SER F 44 1.59 -16.78 0.05
N SER F 45 0.97 -15.63 -0.24
CA SER F 45 -0.33 -15.30 0.37
C SER F 45 -1.54 -15.29 -0.58
N LYS F 46 -2.43 -16.27 -0.34
CA LYS F 46 -3.74 -16.49 -1.02
C LYS F 46 -4.71 -15.30 -0.96
N LEU F 47 -4.53 -14.45 0.06
CA LEU F 47 -5.32 -13.23 0.21
C LEU F 47 -4.40 -12.04 0.00
N PRO F 48 -4.78 -11.11 -0.91
CA PRO F 48 -3.90 -10.04 -1.39
C PRO F 48 -3.36 -9.14 -0.29
N GLN F 49 -2.31 -9.61 0.38
CA GLN F 49 -1.72 -8.90 1.52
C GLN F 49 -0.47 -8.14 1.10
N PRO F 50 -0.60 -6.82 0.85
CA PRO F 50 0.57 -6.01 0.51
C PRO F 50 1.56 -5.91 1.67
N THR F 51 2.81 -6.22 1.38
CA THR F 51 3.90 -5.94 2.32
C THR F 51 4.76 -4.80 1.78
N PHE F 52 5.23 -3.96 2.69
CA PHE F 52 6.13 -2.86 2.37
C PHE F 52 7.54 -3.39 2.13
N VAL F 53 8.29 -2.70 1.27
CA VAL F 53 9.66 -3.09 0.95
C VAL F 53 10.68 -2.01 1.26
N VAL F 54 10.55 -0.84 0.63
CA VAL F 54 11.50 0.25 0.84
C VAL F 54 10.90 1.60 0.48
N TYR F 55 11.47 2.65 1.08
CA TYR F 55 11.12 4.03 0.74
C TYR F 55 12.39 4.79 0.39
N MET F 56 12.38 5.42 -0.77
CA MET F 56 13.47 6.30 -1.16
C MET F 56 12.97 7.73 -1.05
N ALA F 57 13.76 8.57 -0.39
CA ALA F 57 13.47 10.00 -0.31
C ALA F 57 13.65 10.60 -1.69
N SER F 58 12.85 11.61 -2.00
CA SER F 58 13.01 12.35 -3.24
C SER F 58 14.29 13.16 -3.15
N SER F 59 14.44 13.86 -2.02
CA SER F 59 15.49 14.85 -1.80
C SER F 59 16.92 14.31 -1.93
N HIS F 60 17.41 13.66 -0.88
CA HIS F 60 18.75 13.09 -0.91
C HIS F 60 18.62 11.60 -1.03
N ASN F 61 19.69 10.96 -1.47
CA ASN F 61 19.75 9.51 -1.48
C ASN F 61 19.76 9.03 -0.02
N LYS F 62 18.63 8.46 0.37
CA LYS F 62 18.32 8.09 1.75
C LYS F 62 17.13 7.15 1.71
N ILE F 63 17.40 5.84 1.74
CA ILE F 63 16.34 4.84 1.73
C ILE F 63 15.97 4.39 3.17
N THR F 64 14.85 3.70 3.29
CA THR F 64 14.49 3.06 4.55
C THR F 64 13.95 1.70 4.21
N TRP F 65 14.61 0.68 4.73
CA TRP F 65 14.21 -0.71 4.53
C TRP F 65 13.60 -1.25 5.81
N ASP F 66 12.46 -1.92 5.70
CA ASP F 66 11.93 -2.66 6.85
C ASP F 66 12.90 -3.80 7.24
N GLU F 67 12.99 -4.09 8.53
CA GLU F 67 13.92 -5.12 9.01
C GLU F 67 13.59 -6.51 8.42
N LYS F 68 12.32 -6.94 8.56
CA LYS F 68 11.83 -8.23 8.06
C LYS F 68 12.44 -8.63 6.71
N LYS F 73 19.54 -9.51 1.94
CA LYS F 73 20.34 -9.72 0.72
C LYS F 73 19.57 -9.36 -0.54
N LEU F 74 18.38 -9.94 -0.67
CA LEU F 74 17.62 -10.01 -1.94
C LEU F 74 17.37 -8.73 -2.75
N PHE F 75 17.06 -7.62 -2.09
CA PHE F 75 16.75 -6.38 -2.80
C PHE F 75 17.85 -5.36 -2.76
N SER F 76 17.70 -4.38 -3.62
CA SER F 76 18.62 -3.27 -3.77
C SER F 76 17.84 -2.20 -4.50
N ALA F 77 18.09 -0.93 -4.17
CA ALA F 77 17.31 0.16 -4.75
C ALA F 77 18.14 1.44 -4.90
N MET F 78 17.88 2.18 -5.97
CA MET F 78 18.52 3.46 -6.18
C MET F 78 17.61 4.43 -6.90
N ARG F 79 17.88 5.72 -6.71
CA ARG F 79 17.21 6.75 -7.47
C ARG F 79 18.11 7.10 -8.64
N ASP F 80 17.87 6.44 -9.79
CA ASP F 80 18.41 6.87 -11.09
C ASP F 80 18.06 8.33 -11.22
N THR F 81 18.60 9.01 -12.24
CA THR F 81 18.43 10.47 -12.33
C THR F 81 17.08 11.00 -11.79
N ASN F 82 16.16 11.56 -12.63
CA ASN F 82 15.17 12.20 -11.78
C ASN F 82 13.76 11.78 -11.83
N ASN F 83 13.17 11.15 -10.82
CA ASN F 83 11.76 10.73 -10.88
C ASN F 83 11.72 9.24 -11.15
N LYS F 84 12.88 8.69 -11.50
CA LYS F 84 12.98 7.27 -11.80
C LYS F 84 13.56 6.52 -10.62
N TYR F 85 12.68 5.78 -9.96
CA TYR F 85 13.03 5.00 -8.78
C TYR F 85 13.20 3.54 -9.20
N VAL F 86 14.42 3.02 -9.07
CA VAL F 86 14.69 1.65 -9.44
C VAL F 86 14.61 0.76 -8.21
N LEU F 87 13.88 -0.34 -8.33
CA LEU F 87 14.01 -1.43 -7.38
C LEU F 87 14.53 -2.63 -8.14
N THR F 88 15.58 -3.25 -7.61
CA THR F 88 16.18 -4.40 -8.27
C THR F 88 16.15 -5.58 -7.32
N LEU F 89 15.68 -6.72 -7.82
CA LEU F 89 15.81 -7.96 -7.08
C LEU F 89 17.14 -8.54 -7.53
N ASN F 90 18.02 -8.84 -6.60
CA ASN F 90 19.39 -9.23 -6.95
C ASN F 90 19.52 -10.63 -7.52
N LYS F 91 18.88 -11.60 -6.87
CA LYS F 91 18.78 -12.96 -7.40
C LYS F 91 17.33 -13.37 -7.31
N PHE F 92 16.74 -13.77 -8.43
CA PHE F 92 15.34 -14.16 -8.42
C PHE F 92 15.19 -15.53 -7.78
N SER F 93 14.15 -15.67 -6.96
CA SER F 93 13.79 -16.95 -6.38
C SER F 93 12.33 -16.93 -5.93
N LYS F 94 11.86 -18.05 -5.41
CA LYS F 94 10.51 -18.19 -4.90
C LYS F 94 10.20 -17.19 -3.80
N GLU F 95 11.23 -16.68 -3.13
CA GLU F 95 11.07 -15.69 -2.05
C GLU F 95 10.49 -14.35 -2.50
N ASN F 96 11.07 -13.76 -3.55
CA ASN F 96 10.58 -12.49 -4.09
C ASN F 96 9.61 -12.65 -5.25
N GLU F 97 9.17 -13.89 -5.47
CA GLU F 97 8.20 -14.19 -6.52
C GLU F 97 6.82 -13.66 -6.11
N GLY F 98 6.28 -12.75 -6.92
CA GLY F 98 4.97 -12.15 -6.64
C GLY F 98 4.73 -10.86 -7.42
N TYR F 99 3.94 -9.95 -6.84
CA TYR F 99 3.51 -8.74 -7.54
C TYR F 99 4.06 -7.47 -6.90
N TYR F 100 4.66 -6.60 -7.72
CA TYR F 100 5.26 -5.37 -7.22
C TYR F 100 4.56 -4.12 -7.71
N PHE F 101 4.69 -3.05 -6.94
CA PHE F 101 4.19 -1.73 -7.32
C PHE F 101 4.71 -0.66 -6.37
N CYS F 102 4.88 0.54 -6.89
CA CYS F 102 5.31 1.68 -6.10
C CYS F 102 4.10 2.50 -5.68
N SER F 103 4.30 3.33 -4.66
CA SER F 103 3.26 4.19 -4.10
C SER F 103 3.81 5.53 -3.64
N VAL F 104 2.93 6.53 -3.67
CA VAL F 104 3.30 7.92 -3.37
C VAL F 104 2.15 8.66 -2.68
N ILE F 105 2.50 9.73 -1.97
CA ILE F 105 1.58 10.41 -1.06
C ILE F 105 1.59 11.93 -1.21
N SER F 106 0.55 12.45 -1.87
CA SER F 106 0.42 13.90 -2.07
C SER F 106 -0.82 14.37 -1.38
N ASN F 107 -0.70 15.50 -0.67
CA ASN F 107 -1.81 16.08 0.06
C ASN F 107 -2.53 15.00 0.85
N SER F 108 -1.75 14.17 1.55
CA SER F 108 -2.27 13.01 2.28
C SER F 108 -3.20 12.05 1.46
N VAL F 109 -2.94 11.93 0.16
CA VAL F 109 -3.65 10.96 -0.68
C VAL F 109 -2.65 9.97 -1.27
N MET F 110 -2.98 8.70 -1.16
CA MET F 110 -2.12 7.64 -1.68
C MET F 110 -2.34 7.43 -3.17
N TYR F 111 -1.25 7.23 -3.91
CA TYR F 111 -1.35 6.83 -5.29
C TYR F 111 -0.56 5.58 -5.56
N PHE F 112 -1.08 4.75 -6.47
CA PHE F 112 -0.46 3.47 -6.82
C PHE F 112 -0.18 3.34 -8.30
N SER F 113 0.94 2.73 -8.62
CA SER F 113 1.25 2.39 -9.98
C SER F 113 0.46 1.13 -10.33
N SER F 114 0.65 0.62 -11.55
CA SER F 114 0.11 -0.69 -11.88
C SER F 114 0.90 -1.72 -11.12
N VAL F 115 0.46 -2.96 -11.21
CA VAL F 115 1.10 -4.06 -10.52
C VAL F 115 1.92 -4.87 -11.51
N VAL F 116 3.13 -5.24 -11.09
CA VAL F 116 4.02 -6.00 -11.96
C VAL F 116 4.22 -7.42 -11.43
N PRO F 117 3.61 -8.40 -12.12
CA PRO F 117 3.77 -9.81 -11.81
C PRO F 117 5.18 -10.26 -12.21
N VAL F 118 6.01 -10.55 -11.20
CA VAL F 118 7.33 -11.10 -11.44
C VAL F 118 7.26 -12.56 -11.00
N LEU F 119 7.10 -13.43 -12.00
CA LEU F 119 6.77 -14.82 -11.78
C LEU F 119 7.69 -15.72 -12.59
N GLN F 120 8.12 -16.81 -11.95
CA GLN F 120 9.13 -17.72 -12.48
C GLN F 120 8.89 -18.25 -13.91
N LYS F 121 9.97 -18.21 -14.67
CA LYS F 121 10.12 -18.83 -15.99
C LYS F 121 8.95 -19.23 -16.89
N VAL F 122 7.97 -20.06 -16.53
CA VAL F 122 7.06 -20.66 -17.54
C VAL F 122 7.65 -21.98 -18.04
#